data_7AQU
#
_entry.id   7AQU
#
_cell.length_a   54.580
_cell.length_b   118.570
_cell.length_c   87.100
_cell.angle_alpha   90.000
_cell.angle_beta   104.038
_cell.angle_gamma   90.000
#
_symmetry.space_group_name_H-M   'P 1 21 1'
#
loop_
_entity.id
_entity.type
_entity.pdbx_description
1 polymer 'Tryptophan 6-halogenase'
2 non-polymer BICINE
3 non-polymer GLYCEROL
4 non-polymer GLYCINE
5 non-polymer ALANINE
6 non-polymer SERINE
7 water water
#
_entity_poly.entity_id   1
_entity_poly.type   'polypeptide(L)'
_entity_poly.pdbx_seq_one_letter_code
;MGSSHHHHHHSSGLVPRGSHMDNRIKTVVILGGGTAGWMTAAYLGKALQNTVKIVVLEAPTIPRIGVGEATIPNLQRAFF
DYLGIPEEEWMRECNASYKMAIKFINWRTPGEGSPDPRTLDDGHTDTFHHPFGLLPSADQIPLSHYWAAKRLQGETDENF
DEACFADTAIMNAKKAPRFLDMRRATNYAWHFDASKVAAFLRNFAVTKQAVEHVEDEMTEVLTDERGFITALRTKSGRIL
QGDLFVDCSGFRGLLINKAMEEPFIDMSDHLLCNSAVATAVPHDDEKNGVEPYTSSIAMEAGWTWKIPMLGRFGSGHVYS
DHFATQDEATLAFSKLWGLDPDNTEFNHVRFRVGRNRRAWVRNCVSVGLASCFVEPLESTGIYFIYAAIHMLAKHFPDKT
FDKVLVDRFNREIEEMFDDTRDFLQAHYYFSPRVDTPFWRANKELKLADSIKDKVETYRAGLPVNLPVTDEGTYYGNFEA
EFRNFWTNSNYYCIFAGLGLMPRNPLPALAYKPQSIAEAELLFADVKRKGDTLVESLPSTYDLLRQLHGAS
;
_entity_poly.pdbx_strand_id   A,B
#
# COMPACT_ATOMS: atom_id res chain seq x y z
N ASP A 22 -32.52 -12.20 14.56
CA ASP A 22 -31.73 -12.72 13.37
C ASP A 22 -31.93 -11.75 12.19
N ASN A 23 -30.94 -10.88 11.98
CA ASN A 23 -30.95 -9.85 10.92
C ASN A 23 -30.22 -10.39 9.68
N ARG A 24 -29.80 -11.65 9.61
CA ARG A 24 -29.05 -12.15 8.41
C ARG A 24 -29.83 -12.02 7.08
N ILE A 25 -29.10 -11.68 6.03
CA ILE A 25 -29.55 -11.96 4.65
C ILE A 25 -29.82 -13.47 4.56
N LYS A 26 -30.99 -13.85 4.05
CA LYS A 26 -31.32 -15.28 3.85
C LYS A 26 -31.31 -15.69 2.36
N THR A 27 -31.61 -14.75 1.48
CA THR A 27 -31.69 -14.97 0.02
C THR A 27 -31.00 -13.81 -0.71
N VAL A 28 -30.10 -14.17 -1.62
CA VAL A 28 -29.47 -13.21 -2.56
C VAL A 28 -30.02 -13.55 -3.93
N VAL A 29 -30.56 -12.55 -4.62
CA VAL A 29 -31.06 -12.69 -6.00
C VAL A 29 -30.13 -11.91 -6.95
N ILE A 30 -29.56 -12.61 -7.91
CA ILE A 30 -28.67 -12.06 -8.95
C ILE A 30 -29.46 -11.92 -10.22
N LEU A 31 -29.53 -10.71 -10.75
CA LEU A 31 -30.22 -10.47 -12.04
C LEU A 31 -29.15 -10.48 -13.13
N GLY A 32 -29.22 -11.48 -14.01
CA GLY A 32 -28.29 -11.61 -15.13
C GLY A 32 -27.33 -12.73 -14.92
N GLY A 33 -26.91 -13.34 -16.02
CA GLY A 33 -25.86 -14.33 -16.07
C GLY A 33 -24.59 -13.78 -16.66
N GLY A 34 -24.06 -14.48 -17.65
CA GLY A 34 -22.75 -14.14 -18.21
C GLY A 34 -21.66 -14.24 -17.17
N THR A 35 -20.50 -13.66 -17.46
CA THR A 35 -19.37 -13.72 -16.53
C THR A 35 -19.76 -13.01 -15.22
N ALA A 36 -20.38 -11.85 -15.27
CA ALA A 36 -20.67 -11.10 -14.02
C ALA A 36 -21.59 -11.93 -13.12
N GLY A 37 -22.71 -12.40 -13.64
CA GLY A 37 -23.71 -13.10 -12.82
C GLY A 37 -23.16 -14.40 -12.27
N TRP A 38 -22.49 -15.22 -13.08
CA TRP A 38 -22.04 -16.55 -12.62
C TRP A 38 -20.76 -16.45 -11.82
N MET A 39 -19.88 -15.45 -12.07
CA MET A 39 -18.76 -15.20 -11.15
C MET A 39 -19.32 -14.81 -9.77
N THR A 40 -20.32 -13.96 -9.72
CA THR A 40 -20.95 -13.54 -8.47
C THR A 40 -21.55 -14.77 -7.78
N ALA A 41 -22.32 -15.57 -8.50
CA ALA A 41 -23.01 -16.73 -7.89
C ALA A 41 -21.97 -17.71 -7.33
N ALA A 42 -20.96 -18.06 -8.11
CA ALA A 42 -19.97 -19.07 -7.66
C ALA A 42 -19.18 -18.51 -6.49
N TYR A 43 -18.75 -17.26 -6.54
CA TYR A 43 -17.93 -16.68 -5.47
C TYR A 43 -18.75 -16.60 -4.16
N LEU A 44 -19.95 -16.09 -4.21
CA LEU A 44 -20.81 -16.00 -2.99
C LEU A 44 -21.17 -17.41 -2.53
N GLY A 45 -21.31 -18.37 -3.45
CA GLY A 45 -21.53 -19.79 -3.10
C GLY A 45 -20.44 -20.33 -2.19
N LYS A 46 -19.19 -20.00 -2.46
CA LYS A 46 -18.06 -20.36 -1.58
C LYS A 46 -18.05 -19.46 -0.32
N ALA A 47 -18.19 -18.16 -0.46
CA ALA A 47 -18.01 -17.20 0.64
C ALA A 47 -19.02 -17.40 1.76
N LEU A 48 -20.26 -17.74 1.41
CA LEU A 48 -21.39 -17.76 2.36
C LEU A 48 -21.68 -19.15 2.93
N GLN A 49 -20.88 -20.13 2.57
CA GLN A 49 -20.76 -21.44 3.27
C GLN A 49 -22.14 -22.07 3.50
N ASN A 50 -22.99 -22.05 2.46
CA ASN A 50 -24.32 -22.69 2.42
C ASN A 50 -25.27 -22.11 3.48
N THR A 51 -25.07 -20.86 3.92
CA THR A 51 -25.94 -20.15 4.91
C THR A 51 -26.96 -19.27 4.21
N VAL A 52 -26.87 -19.12 2.88
CA VAL A 52 -27.69 -18.13 2.14
C VAL A 52 -28.17 -18.78 0.85
N LYS A 53 -29.45 -18.69 0.57
CA LYS A 53 -30.02 -19.15 -0.71
C LYS A 53 -29.56 -18.19 -1.81
N ILE A 54 -28.98 -18.74 -2.89
CA ILE A 54 -28.53 -17.90 -4.04
C ILE A 54 -29.37 -18.27 -5.25
N VAL A 55 -29.95 -17.25 -5.88
CA VAL A 55 -30.81 -17.38 -7.07
C VAL A 55 -30.23 -16.53 -8.19
N VAL A 56 -30.10 -17.10 -9.39
CA VAL A 56 -29.75 -16.30 -10.59
C VAL A 56 -30.99 -16.27 -11.50
N LEU A 57 -31.50 -15.06 -11.79
CA LEU A 57 -32.57 -14.86 -12.79
C LEU A 57 -31.92 -14.48 -14.10
N GLU A 58 -32.04 -15.32 -15.13
CA GLU A 58 -31.33 -15.06 -16.41
C GLU A 58 -32.29 -15.48 -17.55
N ALA A 59 -32.59 -14.59 -18.49
CA ALA A 59 -33.37 -14.94 -19.71
C ALA A 59 -32.55 -15.93 -20.55
N PRO A 60 -33.16 -16.94 -21.21
CA PRO A 60 -32.42 -18.03 -21.86
C PRO A 60 -31.25 -17.62 -22.77
N ILE A 65 -20.78 -14.96 -30.56
CA ILE A 65 -19.48 -15.50 -31.07
C ILE A 65 -18.38 -15.11 -30.06
N GLY A 66 -17.43 -16.03 -29.85
CA GLY A 66 -16.34 -15.95 -28.87
C GLY A 66 -15.29 -14.96 -29.33
N VAL A 67 -15.51 -13.67 -29.08
CA VAL A 67 -14.63 -12.61 -29.66
C VAL A 67 -13.37 -12.43 -28.81
N GLY A 68 -13.28 -13.18 -27.70
CA GLY A 68 -12.05 -13.21 -26.92
C GLY A 68 -12.13 -12.22 -25.79
N GLU A 69 -11.54 -12.62 -24.67
CA GLU A 69 -11.31 -11.77 -23.51
C GLU A 69 -9.90 -12.00 -23.03
N ALA A 70 -9.22 -10.93 -22.70
CA ALA A 70 -7.86 -10.99 -22.10
C ALA A 70 -7.96 -10.55 -20.64
N THR A 71 -7.02 -11.00 -19.79
CA THR A 71 -7.08 -10.85 -18.31
C THR A 71 -5.73 -10.40 -17.77
N ILE A 72 -5.65 -10.34 -16.45
CA ILE A 72 -4.41 -9.99 -15.73
C ILE A 72 -4.10 -11.10 -14.74
N PRO A 73 -2.83 -11.16 -14.26
CA PRO A 73 -2.33 -12.40 -13.68
C PRO A 73 -2.97 -12.88 -12.39
N ASN A 74 -3.76 -12.05 -11.69
CA ASN A 74 -4.29 -12.53 -10.39
C ASN A 74 -5.60 -13.29 -10.57
N LEU A 75 -6.10 -13.48 -11.79
CA LEU A 75 -7.38 -14.18 -11.98
C LEU A 75 -7.34 -15.57 -11.33
N GLN A 76 -6.27 -16.34 -11.52
CA GLN A 76 -6.24 -17.73 -10.94
C GLN A 76 -6.23 -17.63 -9.40
N ARG A 77 -5.32 -16.85 -8.81
CA ARG A 77 -5.19 -16.78 -7.33
C ARG A 77 -6.44 -16.15 -6.70
N ALA A 78 -6.96 -15.06 -7.26
CA ALA A 78 -8.03 -14.27 -6.64
C ALA A 78 -9.42 -14.88 -6.86
N PHE A 79 -9.58 -15.75 -7.87
CA PHE A 79 -10.92 -16.25 -8.27
C PHE A 79 -10.93 -17.78 -8.32
N PHE A 80 -10.27 -18.43 -9.28
CA PHE A 80 -10.41 -19.88 -9.48
C PHE A 80 -9.84 -20.65 -8.27
N ASP A 81 -8.69 -20.24 -7.75
CA ASP A 81 -8.10 -20.93 -6.55
C ASP A 81 -9.09 -20.89 -5.37
N TYR A 82 -9.76 -19.78 -5.18
CA TYR A 82 -10.75 -19.62 -4.11
C TYR A 82 -11.86 -20.66 -4.25
N LEU A 83 -12.29 -20.97 -5.48
CA LEU A 83 -13.37 -21.96 -5.76
C LEU A 83 -12.82 -23.40 -5.71
N GLY A 84 -11.50 -23.56 -5.66
CA GLY A 84 -10.77 -24.84 -5.75
C GLY A 84 -10.79 -25.42 -7.13
N ILE A 85 -10.79 -24.56 -8.18
CA ILE A 85 -10.81 -25.01 -9.61
C ILE A 85 -9.39 -24.89 -10.14
N PRO A 86 -8.72 -26.01 -10.48
CA PRO A 86 -7.39 -25.92 -11.05
C PRO A 86 -7.37 -25.16 -12.39
N GLU A 87 -6.28 -24.47 -12.61
CA GLU A 87 -6.08 -23.64 -13.82
C GLU A 87 -6.33 -24.46 -15.09
N GLU A 88 -5.73 -25.65 -15.21
CA GLU A 88 -5.77 -26.43 -16.46
C GLU A 88 -7.22 -26.86 -16.70
N GLU A 89 -7.99 -27.11 -15.63
CA GLU A 89 -9.38 -27.62 -15.80
CA GLU A 89 -9.38 -27.60 -15.78
C GLU A 89 -10.23 -26.52 -16.47
N TRP A 90 -10.18 -25.28 -15.97
CA TRP A 90 -11.06 -24.24 -16.58
C TRP A 90 -10.50 -23.87 -17.96
N MET A 91 -9.18 -23.84 -18.09
CA MET A 91 -8.56 -23.44 -19.38
C MET A 91 -9.02 -24.40 -20.49
N ARG A 92 -9.09 -25.70 -20.20
CA ARG A 92 -9.49 -26.70 -21.23
C ARG A 92 -10.96 -26.58 -21.62
N GLU A 93 -11.79 -25.88 -20.84
CA GLU A 93 -13.23 -25.70 -21.14
C GLU A 93 -13.52 -24.40 -21.89
N CYS A 94 -12.55 -23.50 -22.07
N CYS A 94 -12.52 -23.54 -22.13
CA CYS A 94 -12.84 -22.20 -22.73
CA CYS A 94 -12.76 -22.18 -22.61
C CYS A 94 -11.77 -21.80 -23.74
C CYS A 94 -11.75 -21.81 -23.71
N ASN A 95 -11.15 -22.80 -24.37
N ASN A 95 -11.11 -22.82 -24.34
CA ASN A 95 -10.08 -22.65 -25.41
CA ASN A 95 -10.10 -22.65 -25.44
C ASN A 95 -9.06 -21.61 -24.97
C ASN A 95 -9.05 -21.63 -24.98
N ALA A 96 -8.63 -21.65 -23.72
CA ALA A 96 -7.77 -20.59 -23.14
C ALA A 96 -6.36 -20.65 -23.69
N SER A 97 -5.73 -19.47 -23.79
CA SER A 97 -4.29 -19.38 -24.11
C SER A 97 -3.59 -18.41 -23.15
N TYR A 98 -2.31 -18.24 -23.33
CA TYR A 98 -1.36 -17.54 -22.44
C TYR A 98 -1.11 -16.12 -22.93
N LYS A 99 -1.02 -15.21 -21.96
CA LYS A 99 -0.80 -13.77 -22.20
C LYS A 99 0.35 -13.27 -21.34
N MET A 100 1.44 -12.76 -21.93
CA MET A 100 2.56 -12.16 -21.19
C MET A 100 2.51 -10.62 -21.16
N ALA A 101 1.66 -10.02 -22.00
CA ALA A 101 1.66 -8.55 -22.18
C ALA A 101 0.52 -8.15 -23.07
N ILE A 102 0.33 -6.84 -23.15
CA ILE A 102 -0.31 -6.17 -24.31
C ILE A 102 0.84 -5.56 -25.10
N LYS A 103 0.80 -5.83 -26.41
CA LYS A 103 1.72 -5.28 -27.41
C LYS A 103 1.00 -4.20 -28.21
N PHE A 104 1.49 -2.97 -28.10
CA PHE A 104 0.86 -1.78 -28.75
C PHE A 104 1.54 -1.60 -30.10
N ILE A 105 0.76 -1.63 -31.17
CA ILE A 105 1.25 -1.56 -32.57
C ILE A 105 0.70 -0.29 -33.24
N ASN A 106 1.59 0.55 -33.75
CA ASN A 106 1.24 1.75 -34.59
C ASN A 106 0.55 2.85 -33.78
N TRP A 107 0.75 2.93 -32.46
CA TRP A 107 0.24 4.01 -31.59
C TRP A 107 1.06 5.31 -31.75
N ARG A 108 2.19 5.27 -32.45
N ARG A 108 2.20 5.27 -32.45
CA ARG A 108 3.07 6.48 -32.61
CA ARG A 108 3.06 6.47 -32.60
C ARG A 108 3.12 6.98 -34.05
C ARG A 108 3.10 6.99 -34.05
N THR A 109 2.56 6.26 -35.01
CA THR A 109 2.74 6.55 -36.45
C THR A 109 1.39 6.70 -37.14
N PRO A 110 1.31 7.61 -38.13
CA PRO A 110 0.07 7.85 -38.82
C PRO A 110 -0.25 6.76 -39.83
N GLY A 111 -1.51 6.66 -40.16
CA GLY A 111 -2.01 5.88 -41.28
C GLY A 111 -3.15 4.95 -40.95
N GLU A 112 -3.59 4.22 -41.96
CA GLU A 112 -4.70 3.25 -41.90
C GLU A 112 -4.30 2.14 -40.93
N GLY A 113 -5.27 1.42 -40.39
CA GLY A 113 -4.99 0.21 -39.62
C GLY A 113 -4.20 -0.79 -40.42
N SER A 114 -3.14 -1.34 -39.85
CA SER A 114 -2.43 -2.52 -40.38
C SER A 114 -2.03 -3.39 -39.20
N PRO A 115 -2.02 -4.72 -39.33
CA PRO A 115 -1.47 -5.58 -38.27
C PRO A 115 0.05 -5.53 -38.23
N ASP A 116 0.66 -5.01 -39.28
CA ASP A 116 2.14 -4.91 -39.38
C ASP A 116 2.61 -3.53 -38.91
N PRO A 117 3.61 -3.51 -38.01
CA PRO A 117 4.11 -2.24 -37.48
C PRO A 117 4.79 -1.40 -38.56
N ARG A 118 4.48 -0.11 -38.54
CA ARG A 118 5.21 0.90 -39.34
C ARG A 118 6.60 1.10 -38.76
N THR A 119 7.42 1.85 -39.51
CA THR A 119 8.80 2.14 -39.15
C THR A 119 8.88 3.56 -38.58
N LEU A 120 9.48 3.70 -37.42
CA LEU A 120 9.74 5.02 -36.80
C LEU A 120 10.92 5.68 -37.52
N ASP A 121 11.16 6.96 -37.22
CA ASP A 121 12.27 7.77 -37.78
C ASP A 121 13.61 7.06 -37.53
N ASP A 122 13.81 6.40 -36.39
CA ASP A 122 15.09 5.76 -36.00
C ASP A 122 15.20 4.33 -36.55
N GLY A 123 14.26 3.88 -37.37
CA GLY A 123 14.34 2.54 -37.98
C GLY A 123 13.72 1.43 -37.16
N HIS A 124 13.32 1.70 -35.92
N HIS A 124 13.34 1.68 -35.90
CA HIS A 124 12.59 0.74 -35.06
CA HIS A 124 12.64 0.67 -35.07
C HIS A 124 11.17 0.52 -35.58
C HIS A 124 11.19 0.52 -35.54
N THR A 125 10.65 -0.69 -35.41
CA THR A 125 9.22 -0.99 -35.64
C THR A 125 8.43 -0.17 -34.60
N ASP A 126 7.24 0.30 -34.97
CA ASP A 126 6.35 1.02 -34.03
C ASP A 126 5.61 0.01 -33.15
N THR A 127 6.34 -0.58 -32.19
CA THR A 127 5.78 -1.56 -31.25
C THR A 127 6.32 -1.18 -29.88
N PHE A 128 5.49 -1.39 -28.86
CA PHE A 128 6.01 -1.39 -27.47
C PHE A 128 5.16 -2.33 -26.62
N HIS A 129 5.80 -2.99 -25.66
CA HIS A 129 5.14 -4.00 -24.80
C HIS A 129 4.83 -3.40 -23.42
N HIS A 130 3.74 -3.89 -22.85
CA HIS A 130 3.34 -3.65 -21.45
C HIS A 130 3.23 -5.03 -20.81
N PRO A 131 4.37 -5.56 -20.34
CA PRO A 131 4.38 -6.91 -19.81
C PRO A 131 4.01 -6.92 -18.33
N PHE A 132 3.82 -8.15 -17.84
CA PHE A 132 3.55 -8.41 -16.42
C PHE A 132 4.86 -8.72 -15.68
N GLY A 133 5.96 -8.93 -16.39
CA GLY A 133 7.27 -9.13 -15.75
C GLY A 133 7.58 -8.05 -14.73
N LEU A 134 8.29 -8.41 -13.65
CA LEU A 134 8.68 -7.45 -12.58
C LEU A 134 9.87 -6.64 -13.08
N LEU A 135 9.96 -5.35 -12.72
CA LEU A 135 11.24 -4.58 -12.84
C LEU A 135 12.04 -4.80 -11.59
N PRO A 136 13.31 -5.25 -11.73
CA PRO A 136 14.21 -5.34 -10.59
C PRO A 136 14.67 -3.92 -10.24
N SER A 137 15.25 -3.78 -9.05
N SER A 137 15.28 -3.80 -9.06
CA SER A 137 15.81 -2.53 -8.52
CA SER A 137 15.81 -2.53 -8.54
C SER A 137 17.28 -2.74 -8.18
C SER A 137 17.27 -2.73 -8.17
N ALA A 138 18.03 -1.65 -8.23
CA ALA A 138 19.39 -1.57 -7.66
C ALA A 138 19.38 -0.38 -6.71
N ASP A 139 19.78 -0.59 -5.48
CA ASP A 139 19.87 0.51 -4.49
C ASP A 139 18.48 1.13 -4.33
N GLN A 140 17.44 0.28 -4.34
CA GLN A 140 16.02 0.64 -4.14
C GLN A 140 15.53 1.54 -5.28
N ILE A 141 16.24 1.61 -6.40
CA ILE A 141 15.81 2.42 -7.57
C ILE A 141 15.45 1.44 -8.68
N PRO A 142 14.24 1.53 -9.27
CA PRO A 142 13.88 0.58 -10.33
C PRO A 142 14.76 0.67 -11.57
N LEU A 143 14.89 -0.44 -12.28
CA LEU A 143 15.73 -0.53 -13.51
C LEU A 143 15.27 0.49 -14.56
N SER A 144 13.98 0.82 -14.60
CA SER A 144 13.44 1.89 -15.48
C SER A 144 14.31 3.14 -15.40
N HIS A 145 14.70 3.53 -14.19
CA HIS A 145 15.32 4.86 -13.94
C HIS A 145 16.77 4.87 -14.42
N TYR A 146 17.44 3.76 -14.32
CA TYR A 146 18.80 3.58 -14.89
C TYR A 146 18.73 3.61 -16.41
N TRP A 147 17.72 2.97 -17.00
CA TRP A 147 17.48 3.01 -18.45
C TRP A 147 17.20 4.44 -18.88
N ALA A 148 16.30 5.16 -18.20
CA ALA A 148 15.90 6.53 -18.58
C ALA A 148 17.14 7.43 -18.49
N ALA A 149 17.99 7.27 -17.48
CA ALA A 149 19.19 8.12 -17.32
C ALA A 149 20.08 7.93 -18.57
N LYS A 150 20.38 6.70 -18.94
CA LYS A 150 21.23 6.42 -20.11
C LYS A 150 20.55 6.93 -21.39
N ARG A 151 19.22 6.74 -21.53
CA ARG A 151 18.51 7.15 -22.75
C ARG A 151 18.64 8.66 -22.87
N LEU A 152 18.38 9.41 -21.79
CA LEU A 152 18.39 10.89 -21.81
C LEU A 152 19.82 11.43 -22.02
N GLN A 153 20.84 10.70 -21.56
CA GLN A 153 22.27 11.12 -21.58
C GLN A 153 22.92 10.61 -22.89
N GLY A 154 22.12 10.08 -23.83
CA GLY A 154 22.55 9.55 -25.15
C GLY A 154 23.48 8.37 -25.03
N GLU A 155 23.35 7.54 -23.99
CA GLU A 155 24.28 6.41 -23.72
C GLU A 155 23.62 5.06 -24.03
N THR A 156 22.36 5.02 -24.50
CA THR A 156 21.74 3.78 -25.04
C THR A 156 20.82 4.13 -26.21
N ASP A 157 20.74 3.18 -27.15
CA ASP A 157 19.88 3.22 -28.36
C ASP A 157 18.66 2.30 -28.11
N GLU A 158 18.64 1.61 -26.97
CA GLU A 158 17.68 0.52 -26.70
C GLU A 158 16.36 1.11 -26.20
N ASN A 159 15.26 0.52 -26.66
CA ASN A 159 13.89 0.77 -26.14
C ASN A 159 13.76 0.23 -24.71
N PHE A 160 12.88 0.85 -23.96
CA PHE A 160 12.62 0.51 -22.55
C PHE A 160 12.27 -0.98 -22.42
N ASP A 161 11.32 -1.46 -23.21
CA ASP A 161 10.79 -2.84 -23.05
C ASP A 161 11.90 -3.86 -23.30
N GLU A 162 12.73 -3.65 -24.33
CA GLU A 162 13.84 -4.58 -24.67
C GLU A 162 14.94 -4.52 -23.60
N ALA A 163 15.23 -3.34 -23.05
CA ALA A 163 16.24 -3.14 -21.99
C ALA A 163 15.83 -3.83 -20.68
N CYS A 164 14.55 -3.74 -20.31
CA CYS A 164 14.14 -3.94 -18.90
C CYS A 164 13.41 -5.26 -18.63
N PHE A 165 12.92 -5.98 -19.63
CA PHE A 165 12.16 -7.23 -19.42
C PHE A 165 12.67 -8.34 -20.34
N ALA A 166 13.10 -9.45 -19.78
CA ALA A 166 13.42 -10.65 -20.57
C ALA A 166 12.17 -11.10 -21.33
N ASP A 167 10.97 -10.80 -20.78
CA ASP A 167 9.69 -11.20 -21.38
C ASP A 167 9.63 -10.69 -22.83
N THR A 168 10.22 -9.54 -23.11
CA THR A 168 10.14 -8.93 -24.48
C THR A 168 10.76 -9.88 -25.51
N ALA A 169 11.93 -10.42 -25.18
CA ALA A 169 12.63 -11.43 -26.04
C ALA A 169 11.77 -12.68 -26.21
N ILE A 170 11.21 -13.19 -25.12
CA ILE A 170 10.37 -14.41 -25.12
C ILE A 170 9.18 -14.17 -26.04
N MET A 171 8.52 -13.00 -25.91
CA MET A 171 7.37 -12.69 -26.75
C MET A 171 7.77 -12.58 -28.23
N ASN A 172 8.86 -11.90 -28.52
CA ASN A 172 9.36 -11.73 -29.91
C ASN A 172 9.56 -13.10 -30.57
N ALA A 173 9.91 -14.11 -29.80
CA ALA A 173 10.13 -15.49 -30.26
C ALA A 173 8.85 -16.34 -30.21
N LYS A 174 7.76 -15.77 -29.66
CA LYS A 174 6.46 -16.46 -29.47
C LYS A 174 6.61 -17.69 -28.58
N LYS A 175 7.59 -17.69 -27.68
CA LYS A 175 7.81 -18.78 -26.71
C LYS A 175 6.81 -18.65 -25.55
N ALA A 176 6.51 -19.78 -24.92
CA ALA A 176 5.48 -19.94 -23.88
C ALA A 176 5.99 -19.52 -22.54
N PRO A 177 5.10 -19.14 -21.59
CA PRO A 177 5.55 -18.74 -20.25
C PRO A 177 5.78 -19.92 -19.30
N ARG A 178 5.50 -21.13 -19.75
CA ARG A 178 5.81 -22.36 -18.99
C ARG A 178 6.58 -23.29 -19.93
N PHE A 179 7.37 -24.18 -19.32
CA PHE A 179 7.99 -25.30 -20.05
C PHE A 179 6.93 -26.40 -20.25
N LEU A 180 7.23 -27.38 -21.11
CA LEU A 180 6.33 -28.52 -21.37
C LEU A 180 6.16 -29.35 -20.10
N ASP A 181 7.08 -29.31 -19.14
CA ASP A 181 6.90 -29.99 -17.83
C ASP A 181 6.03 -29.12 -16.90
N MET A 182 5.53 -27.98 -17.42
CA MET A 182 4.64 -27.00 -16.72
C MET A 182 5.37 -26.22 -15.63
N ARG A 183 6.72 -26.25 -15.57
CA ARG A 183 7.46 -25.35 -14.67
C ARG A 183 7.22 -23.91 -15.16
N ARG A 184 6.99 -22.98 -14.26
CA ARG A 184 6.80 -21.54 -14.64
C ARG A 184 8.11 -20.90 -15.04
N ALA A 185 8.11 -20.11 -16.11
CA ALA A 185 9.26 -19.31 -16.56
C ALA A 185 9.01 -17.83 -16.36
N THR A 186 7.76 -17.38 -16.55
CA THR A 186 7.44 -15.94 -16.50
C THR A 186 6.08 -15.77 -15.83
N ASN A 187 5.79 -14.51 -15.49
CA ASN A 187 4.41 -14.11 -15.14
C ASN A 187 3.53 -14.16 -16.37
N TYR A 188 2.26 -14.44 -16.19
CA TYR A 188 1.34 -14.48 -17.35
C TYR A 188 -0.09 -14.39 -16.85
N ALA A 189 -0.97 -14.04 -17.79
CA ALA A 189 -2.43 -14.15 -17.60
C ALA A 189 -3.03 -14.92 -18.79
N TRP A 190 -4.29 -14.68 -19.08
CA TRP A 190 -5.07 -15.61 -19.91
C TRP A 190 -5.87 -14.89 -20.99
N HIS A 191 -5.98 -15.59 -22.10
CA HIS A 191 -6.94 -15.32 -23.19
C HIS A 191 -7.98 -16.41 -23.14
N PHE A 192 -9.25 -16.07 -23.32
CA PHE A 192 -10.28 -17.12 -23.37
C PHE A 192 -11.57 -16.64 -23.98
N ASP A 193 -12.40 -17.63 -24.31
CA ASP A 193 -13.80 -17.40 -24.73
C ASP A 193 -14.61 -17.11 -23.46
N ALA A 194 -15.07 -15.89 -23.27
CA ALA A 194 -15.80 -15.47 -22.05
C ALA A 194 -17.14 -16.21 -21.96
N SER A 195 -17.83 -16.45 -23.09
N SER A 195 -17.83 -16.45 -23.08
CA SER A 195 -19.12 -17.22 -23.06
CA SER A 195 -19.11 -17.22 -23.06
C SER A 195 -18.87 -18.63 -22.49
C SER A 195 -18.87 -18.62 -22.48
N LYS A 196 -17.75 -19.27 -22.84
CA LYS A 196 -17.44 -20.62 -22.32
C LYS A 196 -17.11 -20.55 -20.82
N VAL A 197 -16.39 -19.53 -20.39
CA VAL A 197 -16.15 -19.34 -18.92
C VAL A 197 -17.47 -19.19 -18.20
N ALA A 198 -18.36 -18.39 -18.75
CA ALA A 198 -19.66 -18.16 -18.08
C ALA A 198 -20.43 -19.52 -17.99
N ALA A 199 -20.44 -20.30 -19.08
CA ALA A 199 -21.13 -21.61 -19.12
C ALA A 199 -20.49 -22.56 -18.11
N PHE A 200 -19.17 -22.56 -18.03
CA PHE A 200 -18.41 -23.43 -17.09
C PHE A 200 -18.81 -23.08 -15.64
N LEU A 201 -18.86 -21.78 -15.33
CA LEU A 201 -19.19 -21.32 -13.95
C LEU A 201 -20.65 -21.59 -13.64
N ARG A 202 -21.56 -21.43 -14.61
N ARG A 202 -21.55 -21.43 -14.60
CA ARG A 202 -22.99 -21.74 -14.42
CA ARG A 202 -22.99 -21.74 -14.40
C ARG A 202 -23.10 -23.21 -14.02
C ARG A 202 -23.09 -23.22 -14.01
N ASN A 203 -22.47 -24.08 -14.80
CA ASN A 203 -22.52 -25.53 -14.50
C ASN A 203 -21.97 -25.81 -13.09
N PHE A 204 -20.86 -25.19 -12.70
CA PHE A 204 -20.23 -25.39 -11.37
C PHE A 204 -21.24 -24.95 -10.29
N ALA A 205 -21.75 -23.73 -10.40
CA ALA A 205 -22.67 -23.16 -9.38
C ALA A 205 -23.93 -24.04 -9.24
N VAL A 206 -24.54 -24.43 -10.34
CA VAL A 206 -25.84 -25.18 -10.31
C VAL A 206 -25.59 -26.60 -9.81
N THR A 207 -24.51 -27.25 -10.22
CA THR A 207 -24.32 -28.72 -9.96
C THR A 207 -23.53 -28.93 -8.67
N LYS A 208 -22.70 -28.00 -8.24
CA LYS A 208 -21.80 -28.20 -7.06
C LYS A 208 -22.14 -27.26 -5.91
N GLN A 209 -22.89 -26.18 -6.15
CA GLN A 209 -23.17 -25.20 -5.07
C GLN A 209 -24.68 -25.01 -4.85
N ALA A 210 -25.52 -25.75 -5.57
CA ALA A 210 -26.99 -25.71 -5.43
C ALA A 210 -27.49 -24.28 -5.57
N VAL A 211 -26.88 -23.53 -6.48
CA VAL A 211 -27.45 -22.23 -6.88
C VAL A 211 -28.69 -22.49 -7.71
N GLU A 212 -29.78 -21.75 -7.45
CA GLU A 212 -31.03 -21.89 -8.20
C GLU A 212 -30.97 -21.02 -9.46
N HIS A 213 -31.14 -21.62 -10.62
CA HIS A 213 -31.16 -20.92 -11.92
C HIS A 213 -32.60 -20.80 -12.35
N VAL A 214 -33.14 -19.58 -12.32
CA VAL A 214 -34.48 -19.29 -12.85
C VAL A 214 -34.30 -18.74 -14.28
N GLU A 215 -34.70 -19.51 -15.29
CA GLU A 215 -34.54 -19.11 -16.71
CA GLU A 215 -34.54 -19.11 -16.70
C GLU A 215 -35.84 -18.43 -17.14
N ASP A 216 -35.91 -17.12 -17.01
CA ASP A 216 -37.15 -16.35 -17.23
C ASP A 216 -36.78 -14.88 -17.41
N GLU A 217 -37.72 -14.09 -17.90
CA GLU A 217 -37.56 -12.64 -18.14
C GLU A 217 -38.12 -11.92 -16.93
N MET A 218 -37.41 -10.91 -16.42
N MET A 218 -37.41 -10.91 -16.41
CA MET A 218 -37.92 -10.03 -15.34
CA MET A 218 -37.90 -10.03 -15.34
C MET A 218 -38.91 -9.06 -15.97
C MET A 218 -38.90 -9.05 -15.95
N THR A 219 -40.07 -8.88 -15.34
CA THR A 219 -41.12 -7.95 -15.84
C THR A 219 -41.33 -6.77 -14.89
N GLU A 220 -40.96 -6.88 -13.63
CA GLU A 220 -41.18 -5.77 -12.67
C GLU A 220 -40.22 -5.93 -11.48
N VAL A 221 -39.72 -4.80 -11.01
CA VAL A 221 -38.97 -4.72 -9.75
C VAL A 221 -39.93 -4.22 -8.67
N LEU A 222 -40.18 -5.02 -7.66
CA LEU A 222 -41.07 -4.60 -6.54
C LEU A 222 -40.20 -3.90 -5.50
N THR A 223 -40.66 -2.74 -5.01
CA THR A 223 -39.96 -1.99 -3.94
C THR A 223 -40.91 -1.68 -2.77
N ASP A 224 -40.36 -1.48 -1.58
CA ASP A 224 -41.17 -1.16 -0.37
C ASP A 224 -41.18 0.36 -0.21
N GLU A 225 -41.75 0.87 0.89
CA GLU A 225 -41.91 2.31 1.18
C GLU A 225 -40.54 2.98 1.40
N ARG A 226 -39.50 2.22 1.75
CA ARG A 226 -38.10 2.69 1.96
C ARG A 226 -37.33 2.72 0.63
N GLY A 227 -37.92 2.26 -0.48
CA GLY A 227 -37.24 2.16 -1.79
C GLY A 227 -36.29 0.95 -1.84
N PHE A 228 -36.40 0.01 -0.91
CA PHE A 228 -35.64 -1.26 -0.96
C PHE A 228 -36.35 -2.21 -1.92
N ILE A 229 -35.57 -2.97 -2.67
CA ILE A 229 -36.19 -4.02 -3.53
C ILE A 229 -36.71 -5.13 -2.63
N THR A 230 -37.92 -5.61 -2.89
CA THR A 230 -38.50 -6.77 -2.16
C THR A 230 -38.47 -8.04 -2.99
N ALA A 231 -38.62 -7.92 -4.29
CA ALA A 231 -38.78 -9.07 -5.20
C ALA A 231 -38.70 -8.67 -6.66
N LEU A 232 -38.37 -9.64 -7.49
CA LEU A 232 -38.42 -9.48 -8.96
C LEU A 232 -39.59 -10.30 -9.48
N ARG A 233 -40.50 -9.67 -10.21
CA ARG A 233 -41.60 -10.37 -10.93
C ARG A 233 -41.04 -10.92 -12.23
N THR A 234 -41.39 -12.14 -12.64
CA THR A 234 -40.97 -12.73 -13.92
C THR A 234 -42.18 -12.88 -14.85
N LYS A 235 -41.89 -13.07 -16.14
CA LYS A 235 -42.91 -13.19 -17.22
C LYS A 235 -43.85 -14.35 -16.88
N SER A 236 -43.30 -15.46 -16.39
CA SER A 236 -44.06 -16.71 -16.10
C SER A 236 -44.88 -16.55 -14.81
N GLY A 237 -44.69 -15.49 -14.02
CA GLY A 237 -45.52 -15.14 -12.85
C GLY A 237 -44.87 -15.47 -11.51
N ARG A 238 -43.58 -15.80 -11.51
CA ARG A 238 -42.81 -15.90 -10.25
C ARG A 238 -42.73 -14.51 -9.65
N ILE A 239 -42.67 -14.45 -8.34
CA ILE A 239 -42.30 -13.19 -7.62
C ILE A 239 -41.15 -13.60 -6.70
N LEU A 240 -39.91 -13.38 -7.15
CA LEU A 240 -38.69 -13.96 -6.52
C LEU A 240 -38.29 -13.04 -5.40
N GLN A 241 -38.63 -13.44 -4.19
CA GLN A 241 -38.28 -12.67 -2.99
C GLN A 241 -36.76 -12.74 -2.75
N GLY A 242 -36.19 -11.63 -2.32
CA GLY A 242 -34.79 -11.62 -1.86
C GLY A 242 -34.55 -10.51 -0.84
N ASP A 243 -33.43 -10.61 -0.14
CA ASP A 243 -33.01 -9.60 0.86
C ASP A 243 -31.91 -8.68 0.28
N LEU A 244 -31.09 -9.24 -0.63
CA LEU A 244 -29.99 -8.52 -1.27
C LEU A 244 -30.08 -8.83 -2.76
N PHE A 245 -29.98 -7.82 -3.61
CA PHE A 245 -30.09 -7.97 -5.07
C PHE A 245 -28.77 -7.52 -5.69
N VAL A 246 -28.25 -8.36 -6.57
CA VAL A 246 -27.02 -8.06 -7.33
C VAL A 246 -27.43 -7.79 -8.77
N ASP A 247 -27.20 -6.57 -9.26
CA ASP A 247 -27.48 -6.17 -10.64
C ASP A 247 -26.32 -6.59 -11.55
N CYS A 248 -26.50 -7.70 -12.27
CA CYS A 248 -25.57 -8.15 -13.31
C CYS A 248 -26.28 -8.06 -14.66
N SER A 249 -27.17 -7.07 -14.84
CA SER A 249 -28.03 -6.98 -16.04
C SER A 249 -27.32 -6.32 -17.23
N GLY A 250 -26.08 -5.87 -17.06
CA GLY A 250 -25.31 -5.25 -18.15
C GLY A 250 -25.63 -3.75 -18.25
N PHE A 251 -25.40 -3.17 -19.43
CA PHE A 251 -25.34 -1.69 -19.57
C PHE A 251 -26.71 -1.06 -19.24
N ARG A 252 -27.79 -1.80 -19.36
CA ARG A 252 -29.13 -1.26 -19.04
C ARG A 252 -29.33 -1.04 -17.55
N GLY A 253 -28.58 -1.70 -16.66
CA GLY A 253 -28.69 -1.42 -15.22
C GLY A 253 -30.15 -1.46 -14.74
N LEU A 254 -30.84 -2.56 -15.02
CA LEU A 254 -32.29 -2.66 -14.83
C LEU A 254 -32.64 -2.47 -13.35
N LEU A 255 -31.75 -2.85 -12.42
CA LEU A 255 -32.01 -2.58 -10.99
C LEU A 255 -31.38 -1.25 -10.57
N ILE A 256 -30.06 -1.09 -10.69
CA ILE A 256 -29.37 0.06 -10.08
C ILE A 256 -29.80 1.38 -10.75
N ASN A 257 -29.93 1.40 -12.08
CA ASN A 257 -30.26 2.65 -12.83
C ASN A 257 -31.77 2.80 -12.96
N LYS A 258 -32.46 1.79 -13.45
CA LYS A 258 -33.91 1.92 -13.79
C LYS A 258 -34.75 1.91 -12.52
N ALA A 259 -34.68 0.87 -11.69
CA ALA A 259 -35.50 0.74 -10.47
C ALA A 259 -35.03 1.66 -9.35
N MET A 260 -33.73 1.70 -9.04
CA MET A 260 -33.19 2.51 -7.91
C MET A 260 -32.96 3.97 -8.35
N GLU A 261 -33.03 4.28 -9.66
CA GLU A 261 -32.88 5.65 -10.21
C GLU A 261 -31.51 6.22 -9.86
N GLU A 262 -30.48 5.37 -9.73
CA GLU A 262 -29.13 5.89 -9.46
C GLU A 262 -28.55 6.43 -10.77
N PRO A 263 -28.09 7.70 -10.78
CA PRO A 263 -27.54 8.28 -11.99
C PRO A 263 -26.24 7.57 -12.42
N PHE A 264 -26.03 7.50 -13.73
CA PHE A 264 -24.75 7.04 -14.33
C PHE A 264 -23.90 8.27 -14.67
N ILE A 265 -22.62 8.24 -14.34
CA ILE A 265 -21.71 9.35 -14.69
C ILE A 265 -21.01 9.00 -15.99
N ASP A 266 -21.41 9.69 -17.06
N ASP A 266 -21.42 9.68 -17.07
CA ASP A 266 -20.83 9.54 -18.41
CA ASP A 266 -20.81 9.48 -18.40
C ASP A 266 -19.41 10.10 -18.36
C ASP A 266 -19.41 10.09 -18.35
N MET A 267 -18.40 9.31 -18.70
CA MET A 267 -17.00 9.80 -18.62
C MET A 267 -16.38 9.83 -20.03
N SER A 268 -17.19 10.12 -21.04
CA SER A 268 -16.71 10.29 -22.44
C SER A 268 -15.93 11.62 -22.55
N ASP A 269 -15.87 12.43 -21.48
CA ASP A 269 -14.93 13.60 -21.43
C ASP A 269 -13.51 13.12 -21.08
N HIS A 270 -13.30 11.83 -20.82
CA HIS A 270 -11.96 11.26 -20.59
C HIS A 270 -11.57 10.19 -21.62
N LEU A 271 -12.54 9.50 -22.20
CA LEU A 271 -12.31 8.43 -23.19
C LEU A 271 -13.37 8.52 -24.27
N LEU A 272 -12.95 8.59 -25.52
CA LEU A 272 -13.89 8.88 -26.64
C LEU A 272 -14.49 7.61 -27.24
N CYS A 273 -13.82 6.46 -27.14
CA CYS A 273 -14.36 5.25 -27.78
C CYS A 273 -15.64 4.82 -27.05
N ASN A 274 -16.63 4.39 -27.82
CA ASN A 274 -17.97 4.05 -27.31
C ASN A 274 -18.64 2.91 -28.06
N SER A 275 -17.92 2.19 -28.92
CA SER A 275 -18.50 1.17 -29.80
C SER A 275 -17.45 0.10 -30.07
N ALA A 276 -17.89 -1.09 -30.45
CA ALA A 276 -16.98 -2.14 -30.97
C ALA A 276 -17.68 -2.95 -32.03
N VAL A 277 -16.90 -3.41 -32.99
CA VAL A 277 -17.32 -4.48 -33.93
C VAL A 277 -16.31 -5.60 -33.79
N ALA A 278 -16.78 -6.84 -33.63
CA ALA A 278 -15.85 -7.92 -33.27
C ALA A 278 -16.26 -9.24 -33.94
N THR A 279 -15.30 -10.17 -34.03
CA THR A 279 -15.55 -11.51 -34.59
C THR A 279 -14.45 -12.44 -34.05
N ALA A 280 -14.49 -13.69 -34.43
CA ALA A 280 -13.36 -14.62 -34.19
C ALA A 280 -12.85 -15.07 -35.56
N VAL A 281 -11.55 -15.04 -35.72
CA VAL A 281 -10.86 -15.28 -37.03
C VAL A 281 -10.11 -16.60 -36.95
N PRO A 282 -10.46 -17.64 -37.76
CA PRO A 282 -9.67 -18.87 -37.81
C PRO A 282 -8.23 -18.51 -38.17
N HIS A 283 -7.29 -19.21 -37.56
CA HIS A 283 -5.85 -18.84 -37.62
C HIS A 283 -5.00 -20.05 -37.97
N ASP A 284 -4.01 -19.83 -38.83
CA ASP A 284 -2.99 -20.85 -39.23
C ASP A 284 -1.86 -20.87 -38.19
N ASP A 285 -2.08 -21.63 -37.12
CA ASP A 285 -1.17 -21.72 -35.96
C ASP A 285 0.12 -22.42 -36.40
N GLU A 286 -0.01 -23.39 -37.31
CA GLU A 286 1.10 -24.16 -37.95
C GLU A 286 2.10 -23.16 -38.52
N LYS A 287 1.62 -22.31 -39.42
CA LYS A 287 2.45 -21.37 -40.20
C LYS A 287 2.96 -20.23 -39.31
N ASN A 288 2.10 -19.71 -38.41
CA ASN A 288 2.32 -18.38 -37.79
C ASN A 288 2.76 -18.53 -36.33
N GLY A 289 2.60 -19.72 -35.73
CA GLY A 289 2.73 -19.93 -34.28
C GLY A 289 1.54 -19.23 -33.61
N VAL A 290 1.57 -19.16 -32.30
CA VAL A 290 0.59 -18.44 -31.45
C VAL A 290 1.36 -17.42 -30.63
N GLU A 291 0.95 -16.16 -30.74
CA GLU A 291 1.55 -15.07 -29.97
C GLU A 291 1.10 -15.20 -28.51
N PRO A 292 2.03 -15.22 -27.55
CA PRO A 292 1.67 -15.25 -26.12
C PRO A 292 1.41 -13.83 -25.57
N TYR A 293 0.57 -13.07 -26.28
CA TYR A 293 0.23 -11.71 -25.87
C TYR A 293 -1.00 -11.25 -26.63
N THR A 294 -1.68 -10.27 -26.03
CA THR A 294 -2.76 -9.52 -26.67
C THR A 294 -2.14 -8.37 -27.47
N SER A 295 -2.63 -8.15 -28.71
CA SER A 295 -2.19 -7.00 -29.50
C SER A 295 -3.25 -5.91 -29.41
N SER A 296 -2.79 -4.68 -29.35
CA SER A 296 -3.61 -3.45 -29.43
C SER A 296 -3.14 -2.70 -30.67
N ILE A 297 -3.88 -2.85 -31.76
CA ILE A 297 -3.49 -2.34 -33.10
C ILE A 297 -4.19 -1.00 -33.31
N ALA A 298 -3.43 0.08 -33.35
CA ALA A 298 -4.02 1.43 -33.54
C ALA A 298 -4.72 1.52 -34.90
N MET A 299 -5.86 2.19 -34.89
CA MET A 299 -6.74 2.39 -36.06
C MET A 299 -6.90 3.91 -36.22
N GLU A 300 -7.61 4.34 -37.26
N GLU A 300 -7.62 4.33 -37.26
CA GLU A 300 -7.85 5.76 -37.54
CA GLU A 300 -7.85 5.77 -37.53
C GLU A 300 -8.82 6.34 -36.52
C GLU A 300 -8.81 6.35 -36.50
N ALA A 301 -9.76 5.56 -36.00
CA ALA A 301 -10.79 6.07 -35.06
C ALA A 301 -10.89 5.23 -33.78
N GLY A 302 -9.78 4.57 -33.41
CA GLY A 302 -9.73 3.76 -32.17
C GLY A 302 -8.62 2.76 -32.34
N TRP A 303 -8.89 1.52 -31.96
CA TRP A 303 -7.87 0.46 -31.95
C TRP A 303 -8.58 -0.89 -32.07
N THR A 304 -7.79 -1.93 -32.41
CA THR A 304 -8.32 -3.27 -32.59
C THR A 304 -7.55 -4.25 -31.71
N TRP A 305 -8.28 -5.02 -30.93
CA TRP A 305 -7.66 -6.13 -30.15
C TRP A 305 -7.39 -7.33 -31.05
N LYS A 306 -6.35 -8.07 -30.69
CA LYS A 306 -6.10 -9.44 -31.17
C LYS A 306 -5.83 -10.30 -29.96
N ILE A 307 -6.61 -11.34 -29.77
CA ILE A 307 -6.58 -12.19 -28.55
C ILE A 307 -6.49 -13.62 -29.08
N PRO A 308 -5.22 -14.12 -29.21
CA PRO A 308 -5.02 -15.48 -29.71
C PRO A 308 -5.51 -16.55 -28.74
N MET A 309 -6.19 -17.52 -29.33
CA MET A 309 -6.53 -18.81 -28.70
C MET A 309 -6.13 -19.92 -29.69
N LEU A 310 -6.25 -21.19 -29.31
CA LEU A 310 -5.83 -22.29 -30.23
C LEU A 310 -6.77 -22.28 -31.43
N GLY A 311 -6.22 -22.21 -32.63
CA GLY A 311 -6.96 -22.37 -33.89
C GLY A 311 -7.63 -21.09 -34.35
N ARG A 312 -7.67 -20.04 -33.50
CA ARG A 312 -8.41 -18.82 -33.90
C ARG A 312 -8.00 -17.67 -32.98
N PHE A 313 -8.17 -16.42 -33.43
CA PHE A 313 -7.96 -15.28 -32.52
C PHE A 313 -9.25 -14.45 -32.47
N GLY A 314 -9.62 -14.01 -31.30
CA GLY A 314 -10.70 -13.03 -31.18
C GLY A 314 -10.20 -11.67 -31.58
N SER A 315 -11.05 -10.86 -32.19
CA SER A 315 -10.61 -9.52 -32.59
C SER A 315 -11.80 -8.57 -32.57
N GLY A 316 -11.54 -7.36 -32.12
CA GLY A 316 -12.60 -6.34 -32.05
C GLY A 316 -12.02 -4.98 -32.31
N HIS A 317 -12.65 -4.21 -33.20
CA HIS A 317 -12.29 -2.81 -33.42
C HIS A 317 -13.11 -1.96 -32.45
N VAL A 318 -12.44 -1.33 -31.51
CA VAL A 318 -13.02 -0.38 -30.54
C VAL A 318 -12.92 0.98 -31.22
N TYR A 319 -14.02 1.73 -31.31
CA TYR A 319 -14.00 3.03 -32.02
C TYR A 319 -14.96 4.01 -31.33
N SER A 320 -14.81 5.26 -31.73
CA SER A 320 -15.77 6.34 -31.39
C SER A 320 -16.72 6.49 -32.58
N ASP A 321 -18.02 6.38 -32.33
CA ASP A 321 -19.00 6.52 -33.42
C ASP A 321 -19.24 8.01 -33.70
N HIS A 322 -18.53 8.92 -33.03
CA HIS A 322 -18.44 10.33 -33.48
C HIS A 322 -17.48 10.45 -34.66
N PHE A 323 -16.52 9.54 -34.85
CA PHE A 323 -15.43 9.65 -35.83
C PHE A 323 -15.49 8.58 -36.89
N ALA A 324 -16.28 7.54 -36.68
CA ALA A 324 -16.55 6.50 -37.68
C ALA A 324 -17.97 6.00 -37.56
N THR A 325 -18.65 5.77 -38.70
CA THR A 325 -19.96 5.10 -38.69
C THR A 325 -19.71 3.63 -38.39
N GLN A 326 -20.75 2.91 -37.97
CA GLN A 326 -20.66 1.44 -37.79
C GLN A 326 -20.14 0.81 -39.09
N ASP A 327 -20.66 1.23 -40.26
CA ASP A 327 -20.23 0.62 -41.53
C ASP A 327 -18.75 0.92 -41.81
N GLU A 328 -18.30 2.15 -41.61
CA GLU A 328 -16.90 2.58 -41.79
C GLU A 328 -15.99 1.75 -40.88
N ALA A 329 -16.37 1.58 -39.61
CA ALA A 329 -15.57 0.79 -38.64
C ALA A 329 -15.50 -0.67 -39.09
N THR A 330 -16.63 -1.23 -39.55
CA THR A 330 -16.73 -2.65 -39.91
C THR A 330 -15.85 -2.88 -41.15
N LEU A 331 -15.89 -1.95 -42.10
CA LEU A 331 -15.08 -2.01 -43.34
C LEU A 331 -13.61 -1.95 -42.95
N ALA A 332 -13.21 -1.05 -42.04
CA ALA A 332 -11.80 -0.88 -41.63
C ALA A 332 -11.32 -2.15 -40.91
N PHE A 333 -12.18 -2.70 -40.05
CA PHE A 333 -11.88 -3.92 -39.27
C PHE A 333 -11.69 -5.10 -40.25
N SER A 334 -12.60 -5.23 -41.22
CA SER A 334 -12.55 -6.31 -42.25
C SER A 334 -11.25 -6.22 -43.08
N LYS A 335 -10.92 -5.00 -43.51
CA LYS A 335 -9.72 -4.69 -44.33
C LYS A 335 -8.47 -5.10 -43.55
N LEU A 336 -8.44 -4.81 -42.25
CA LEU A 336 -7.30 -5.16 -41.39
C LEU A 336 -6.91 -6.62 -41.54
N TRP A 337 -7.85 -7.56 -41.52
CA TRP A 337 -7.58 -9.01 -41.49
C TRP A 337 -7.88 -9.66 -42.86
N GLY A 338 -8.29 -8.88 -43.85
CA GLY A 338 -8.68 -9.44 -45.17
C GLY A 338 -9.91 -10.30 -45.06
N LEU A 339 -10.87 -9.95 -44.18
CA LEU A 339 -12.06 -10.77 -43.94
C LEU A 339 -12.99 -10.59 -45.14
N ASP A 340 -13.66 -11.68 -45.50
CA ASP A 340 -14.78 -11.65 -46.48
C ASP A 340 -16.03 -11.21 -45.71
N PRO A 341 -16.55 -9.99 -45.87
CA PRO A 341 -17.70 -9.55 -45.09
C PRO A 341 -19.00 -10.35 -45.33
N ASP A 342 -19.03 -11.27 -46.32
CA ASP A 342 -20.20 -12.13 -46.64
C ASP A 342 -20.02 -13.54 -46.05
N ASN A 343 -18.87 -13.86 -45.44
CA ASN A 343 -18.62 -15.14 -44.72
C ASN A 343 -18.10 -14.86 -43.30
N THR A 344 -18.43 -13.69 -42.76
CA THR A 344 -17.98 -13.25 -41.43
C THR A 344 -19.21 -12.84 -40.63
N GLU A 345 -19.32 -13.40 -39.45
CA GLU A 345 -20.34 -13.01 -38.46
C GLU A 345 -19.75 -11.90 -37.60
N PHE A 346 -20.34 -10.72 -37.66
CA PHE A 346 -19.92 -9.55 -36.84
C PHE A 346 -20.84 -9.41 -35.63
N ASN A 347 -20.28 -9.02 -34.50
CA ASN A 347 -21.03 -8.63 -33.29
C ASN A 347 -20.78 -7.15 -33.07
N HIS A 348 -21.83 -6.38 -32.84
CA HIS A 348 -21.81 -4.90 -32.73
C HIS A 348 -22.28 -4.55 -31.32
N VAL A 349 -21.54 -3.70 -30.62
CA VAL A 349 -21.94 -3.23 -29.27
C VAL A 349 -21.78 -1.73 -29.24
N ARG A 350 -22.72 -1.05 -28.58
CA ARG A 350 -22.57 0.35 -28.14
C ARG A 350 -22.30 0.30 -26.63
N PHE A 351 -21.20 0.87 -26.22
CA PHE A 351 -20.73 0.86 -24.82
C PHE A 351 -21.35 2.05 -24.11
N ARG A 352 -21.50 1.89 -22.81
CA ARG A 352 -21.67 2.97 -21.84
C ARG A 352 -20.30 3.12 -21.16
N VAL A 353 -19.70 4.31 -21.17
CA VAL A 353 -18.36 4.57 -20.56
C VAL A 353 -18.49 5.46 -19.33
N GLY A 354 -18.04 4.93 -18.19
CA GLY A 354 -18.17 5.60 -16.91
C GLY A 354 -18.61 4.68 -15.81
N ARG A 355 -19.24 5.25 -14.79
CA ARG A 355 -19.65 4.46 -13.61
C ARG A 355 -20.86 5.11 -12.97
N ASN A 356 -21.61 4.32 -12.25
CA ASN A 356 -22.71 4.92 -11.47
C ASN A 356 -22.13 5.90 -10.45
N ARG A 357 -22.96 6.85 -10.02
CA ARG A 357 -22.58 7.75 -8.90
C ARG A 357 -22.24 6.92 -7.66
N ARG A 358 -23.05 5.87 -7.40
CA ARG A 358 -22.81 4.88 -6.34
C ARG A 358 -23.09 3.49 -6.91
N ALA A 359 -22.18 2.55 -6.63
CA ALA A 359 -22.29 1.17 -7.13
C ALA A 359 -23.35 0.37 -6.35
N TRP A 360 -23.51 0.69 -5.06
CA TRP A 360 -24.44 -0.01 -4.16
C TRP A 360 -25.39 1.02 -3.54
N VAL A 361 -26.67 0.86 -3.81
CA VAL A 361 -27.73 1.74 -3.24
C VAL A 361 -28.73 0.83 -2.51
N ARG A 362 -29.07 1.21 -1.27
CA ARG A 362 -29.98 0.42 -0.43
C ARG A 362 -29.57 -1.05 -0.51
N ASN A 363 -30.43 -1.94 -1.03
CA ASN A 363 -30.11 -3.40 -1.03
C ASN A 363 -29.85 -3.88 -2.46
N CYS A 364 -29.30 -3.01 -3.29
CA CYS A 364 -28.97 -3.28 -4.70
C CYS A 364 -27.49 -2.99 -4.95
N VAL A 365 -26.70 -4.04 -5.18
CA VAL A 365 -25.25 -3.93 -5.49
C VAL A 365 -25.03 -4.18 -6.98
N SER A 366 -24.44 -3.25 -7.70
CA SER A 366 -24.16 -3.42 -9.14
C SER A 366 -22.77 -4.05 -9.33
N VAL A 367 -22.67 -4.98 -10.29
CA VAL A 367 -21.39 -5.68 -10.63
C VAL A 367 -21.30 -5.77 -12.14
N GLY A 368 -20.12 -5.55 -12.72
CA GLY A 368 -19.94 -5.68 -14.17
C GLY A 368 -20.45 -4.43 -14.87
N LEU A 369 -20.94 -4.59 -16.08
CA LEU A 369 -21.33 -3.44 -16.93
C LEU A 369 -22.44 -2.64 -16.25
N ALA A 370 -23.29 -3.24 -15.43
CA ALA A 370 -24.34 -2.51 -14.67
C ALA A 370 -23.72 -1.49 -13.74
N SER A 371 -22.50 -1.69 -13.30
CA SER A 371 -21.76 -0.82 -12.35
C SER A 371 -20.93 0.21 -13.11
N CYS A 372 -20.06 -0.26 -14.00
CA CYS A 372 -19.07 0.62 -14.63
C CYS A 372 -18.43 -0.08 -15.81
N PHE A 373 -17.84 0.71 -16.71
CA PHE A 373 -17.18 0.16 -17.90
C PHE A 373 -16.18 1.14 -18.45
N VAL A 374 -15.05 0.59 -18.90
CA VAL A 374 -14.13 1.21 -19.87
C VAL A 374 -13.82 0.14 -20.94
N GLU A 375 -13.47 0.62 -22.11
CA GLU A 375 -12.92 -0.20 -23.19
C GLU A 375 -11.82 -1.12 -22.64
N PRO A 376 -11.67 -2.28 -23.28
CA PRO A 376 -10.74 -3.31 -22.81
C PRO A 376 -9.26 -3.05 -23.15
N LEU A 377 -8.80 -1.79 -23.11
CA LEU A 377 -7.44 -1.40 -23.55
C LEU A 377 -6.34 -1.89 -22.59
N GLU A 378 -6.67 -2.24 -21.35
CA GLU A 378 -5.69 -2.83 -20.39
C GLU A 378 -6.32 -4.08 -19.78
N SER A 379 -7.30 -4.68 -20.43
CA SER A 379 -7.81 -6.02 -20.05
C SER A 379 -8.25 -6.03 -18.58
N THR A 380 -9.07 -5.05 -18.15
CA THR A 380 -9.50 -4.85 -16.76
C THR A 380 -10.94 -5.32 -16.50
N GLY A 381 -11.69 -5.79 -17.49
CA GLY A 381 -13.15 -6.01 -17.36
C GLY A 381 -13.45 -7.10 -16.35
N ILE A 382 -12.80 -8.25 -16.53
CA ILE A 382 -13.02 -9.37 -15.58
C ILE A 382 -12.50 -8.99 -14.19
N TYR A 383 -11.36 -8.31 -14.11
CA TYR A 383 -10.76 -7.84 -12.84
C TYR A 383 -11.81 -7.00 -12.09
N PHE A 384 -12.48 -6.09 -12.79
CA PHE A 384 -13.49 -5.22 -12.11
C PHE A 384 -14.62 -6.07 -11.55
N ILE A 385 -14.97 -7.16 -12.19
CA ILE A 385 -16.02 -8.08 -11.64
C ILE A 385 -15.48 -8.76 -10.39
N TYR A 386 -14.36 -9.44 -10.44
CA TYR A 386 -13.94 -10.20 -9.23
C TYR A 386 -13.48 -9.25 -8.12
N ALA A 387 -12.95 -8.06 -8.40
CA ALA A 387 -12.61 -7.06 -7.37
C ALA A 387 -13.90 -6.65 -6.67
N ALA A 388 -14.96 -6.36 -7.43
CA ALA A 388 -16.25 -5.97 -6.84
C ALA A 388 -16.80 -7.10 -5.97
N ILE A 389 -16.71 -8.33 -6.45
N ILE A 389 -16.73 -8.33 -6.44
CA ILE A 389 -17.25 -9.49 -5.71
CA ILE A 389 -17.34 -9.44 -5.65
C ILE A 389 -16.46 -9.64 -4.43
C ILE A 389 -16.46 -9.67 -4.42
N HIS A 390 -15.14 -9.54 -4.52
CA HIS A 390 -14.25 -9.59 -3.33
C HIS A 390 -14.68 -8.51 -2.33
N MET A 391 -14.94 -7.29 -2.82
CA MET A 391 -15.30 -6.17 -1.92
C MET A 391 -16.69 -6.40 -1.35
N LEU A 392 -17.59 -7.02 -2.09
CA LEU A 392 -18.95 -7.32 -1.58
C LEU A 392 -18.85 -8.37 -0.46
N ALA A 393 -18.06 -9.42 -0.65
CA ALA A 393 -17.87 -10.47 0.38
C ALA A 393 -17.24 -9.85 1.62
N LYS A 394 -16.33 -8.91 1.45
CA LYS A 394 -15.68 -8.22 2.61
C LYS A 394 -16.69 -7.35 3.34
N HIS A 395 -17.51 -6.64 2.60
CA HIS A 395 -18.48 -5.67 3.18
C HIS A 395 -19.87 -6.33 3.27
N PHE A 396 -19.96 -7.66 3.28
CA PHE A 396 -21.25 -8.34 3.15
C PHE A 396 -22.17 -7.84 4.26
N PRO A 397 -23.41 -7.45 3.94
CA PRO A 397 -24.27 -6.81 4.93
C PRO A 397 -25.14 -7.82 5.67
N ASP A 398 -25.87 -7.30 6.66
CA ASP A 398 -27.12 -7.95 7.12
C ASP A 398 -28.27 -7.01 6.72
N LYS A 399 -29.50 -7.34 7.12
CA LYS A 399 -30.70 -6.64 6.67
C LYS A 399 -30.76 -5.21 7.20
N THR A 400 -29.90 -4.80 8.13
CA THR A 400 -29.80 -3.37 8.57
C THR A 400 -29.06 -2.51 7.54
N PHE A 401 -28.34 -3.09 6.57
CA PHE A 401 -27.64 -2.31 5.52
C PHE A 401 -26.91 -1.11 6.12
N ASP A 402 -25.98 -1.43 7.01
CA ASP A 402 -25.13 -0.41 7.66
C ASP A 402 -24.59 0.53 6.57
N LYS A 403 -24.93 1.82 6.65
CA LYS A 403 -24.54 2.82 5.64
C LYS A 403 -23.02 2.87 5.53
N VAL A 404 -22.26 2.56 6.59
CA VAL A 404 -20.79 2.63 6.53
C VAL A 404 -20.29 1.48 5.64
N LEU A 405 -20.83 0.26 5.76
CA LEU A 405 -20.44 -0.85 4.84
C LEU A 405 -20.67 -0.44 3.40
N VAL A 406 -21.83 0.09 3.12
CA VAL A 406 -22.23 0.47 1.72
C VAL A 406 -21.27 1.55 1.22
N ASP A 407 -21.04 2.59 2.04
N ASP A 407 -21.04 2.60 2.04
CA ASP A 407 -20.16 3.74 1.68
CA ASP A 407 -20.16 3.74 1.68
C ASP A 407 -18.75 3.25 1.42
C ASP A 407 -18.74 3.25 1.42
N ARG A 408 -18.19 2.39 2.28
CA ARG A 408 -16.80 1.91 2.09
C ARG A 408 -16.72 1.10 0.79
N PHE A 409 -17.69 0.23 0.50
CA PHE A 409 -17.70 -0.55 -0.76
C PHE A 409 -17.69 0.47 -1.90
N ASN A 410 -18.59 1.46 -1.83
CA ASN A 410 -18.75 2.43 -2.94
C ASN A 410 -17.43 3.17 -3.17
N ARG A 411 -16.73 3.51 -2.10
CA ARG A 411 -15.46 4.28 -2.21
C ARG A 411 -14.42 3.39 -2.92
N GLU A 412 -14.39 2.11 -2.59
CA GLU A 412 -13.41 1.21 -3.23
C GLU A 412 -13.70 1.10 -4.72
N ILE A 413 -14.96 0.97 -5.13
CA ILE A 413 -15.32 0.82 -6.57
C ILE A 413 -14.96 2.12 -7.32
N GLU A 414 -15.30 3.28 -6.75
CA GLU A 414 -15.06 4.55 -7.44
C GLU A 414 -13.55 4.77 -7.61
N GLU A 415 -12.75 4.47 -6.60
CA GLU A 415 -11.27 4.69 -6.65
C GLU A 415 -10.65 3.72 -7.67
N MET A 416 -11.08 2.47 -7.65
CA MET A 416 -10.59 1.44 -8.59
C MET A 416 -10.88 1.92 -10.02
N PHE A 417 -12.11 2.34 -10.23
CA PHE A 417 -12.56 2.68 -11.59
C PHE A 417 -11.81 3.91 -12.08
N ASP A 418 -11.85 5.00 -11.31
CA ASP A 418 -11.31 6.29 -11.77
C ASP A 418 -9.81 6.17 -12.01
N ASP A 419 -9.09 5.40 -11.20
CA ASP A 419 -7.63 5.19 -11.38
C ASP A 419 -7.38 4.56 -12.75
N THR A 420 -8.16 3.54 -13.12
CA THR A 420 -7.97 2.82 -14.40
C THR A 420 -8.42 3.73 -15.55
N ARG A 421 -9.53 4.45 -15.36
CA ARG A 421 -9.94 5.44 -16.38
C ARG A 421 -8.80 6.40 -16.71
N ASP A 422 -8.19 6.99 -15.69
CA ASP A 422 -7.06 7.93 -15.86
C ASP A 422 -5.91 7.24 -16.60
N PHE A 423 -5.55 6.02 -16.19
CA PHE A 423 -4.46 5.26 -16.82
C PHE A 423 -4.73 5.08 -18.32
N LEU A 424 -5.97 4.70 -18.68
CA LEU A 424 -6.35 4.50 -20.08
C LEU A 424 -6.29 5.83 -20.82
N GLN A 425 -6.81 6.92 -20.25
CA GLN A 425 -6.74 8.24 -20.92
C GLN A 425 -5.29 8.58 -21.29
N ALA A 426 -4.32 8.24 -20.44
CA ALA A 426 -2.90 8.54 -20.72
C ALA A 426 -2.43 7.86 -22.00
N HIS A 427 -2.97 6.68 -22.34
CA HIS A 427 -2.60 5.96 -23.57
C HIS A 427 -2.86 6.82 -24.81
N TYR A 428 -3.96 7.57 -24.81
CA TYR A 428 -4.40 8.43 -25.93
C TYR A 428 -3.74 9.79 -25.80
N TYR A 429 -3.74 10.36 -24.59
CA TYR A 429 -3.32 11.77 -24.38
C TYR A 429 -1.85 11.93 -24.79
N PHE A 430 -1.01 10.93 -24.53
CA PHE A 430 0.44 10.99 -24.81
C PHE A 430 0.80 10.32 -26.13
N SER A 431 -0.13 9.79 -26.92
CA SER A 431 0.16 9.38 -28.30
C SER A 431 0.58 10.62 -29.06
N PRO A 432 1.64 10.54 -29.86
CA PRO A 432 2.02 11.67 -30.69
C PRO A 432 1.13 11.79 -31.95
N ARG A 433 0.23 10.86 -32.22
CA ARG A 433 -0.54 10.85 -33.49
C ARG A 433 -1.45 12.09 -33.53
N VAL A 434 -1.45 12.72 -34.70
CA VAL A 434 -2.27 13.93 -35.00
C VAL A 434 -2.88 13.76 -36.40
N ASP A 435 -2.92 12.54 -36.94
CA ASP A 435 -3.21 12.28 -38.37
C ASP A 435 -4.71 12.23 -38.66
N THR A 436 -5.57 12.05 -37.67
CA THR A 436 -7.02 11.90 -37.89
C THR A 436 -7.73 12.74 -36.85
N PRO A 437 -8.98 13.14 -37.10
CA PRO A 437 -9.75 13.91 -36.12
C PRO A 437 -9.83 13.22 -34.75
N PHE A 438 -9.90 11.89 -34.76
CA PHE A 438 -9.96 11.10 -33.51
C PHE A 438 -8.70 11.30 -32.68
N TRP A 439 -7.52 11.08 -33.27
CA TRP A 439 -6.26 11.24 -32.52
C TRP A 439 -6.08 12.69 -32.05
N ARG A 440 -6.45 13.69 -32.86
CA ARG A 440 -6.36 15.07 -32.36
C ARG A 440 -7.36 15.36 -31.23
N ALA A 441 -8.58 14.84 -31.32
CA ALA A 441 -9.69 15.06 -30.38
C ALA A 441 -9.28 14.58 -28.96
N ASN A 442 -8.52 13.47 -28.88
CA ASN A 442 -8.06 12.99 -27.56
C ASN A 442 -7.25 14.07 -26.85
N LYS A 443 -6.48 14.87 -27.60
CA LYS A 443 -5.52 15.79 -26.98
C LYS A 443 -6.20 17.12 -26.61
N GLU A 444 -7.48 17.27 -26.91
CA GLU A 444 -8.27 18.44 -26.47
C GLU A 444 -8.97 18.11 -25.17
N LEU A 445 -8.98 16.85 -24.73
CA LEU A 445 -9.61 16.50 -23.42
C LEU A 445 -8.70 16.94 -22.28
N LYS A 446 -9.23 17.03 -21.08
CA LYS A 446 -8.45 17.32 -19.86
C LYS A 446 -8.10 16.02 -19.14
N LEU A 447 -6.90 15.97 -18.57
CA LEU A 447 -6.49 14.94 -17.57
C LEU A 447 -7.07 15.32 -16.22
N ALA A 448 -7.57 14.33 -15.46
CA ALA A 448 -7.94 14.48 -14.05
C ALA A 448 -6.71 14.91 -13.25
N ASP A 449 -6.91 15.57 -12.13
CA ASP A 449 -5.80 16.06 -11.28
C ASP A 449 -4.87 14.90 -10.84
N SER A 450 -5.44 13.75 -10.51
CA SER A 450 -4.63 12.64 -9.97
C SER A 450 -3.59 12.21 -11.02
N ILE A 451 -3.96 12.05 -12.29
CA ILE A 451 -3.01 11.57 -13.33
C ILE A 451 -2.09 12.74 -13.71
N LYS A 452 -2.56 14.00 -13.66
CA LYS A 452 -1.63 15.14 -13.89
C LYS A 452 -0.50 15.13 -12.86
N ASP A 453 -0.84 14.84 -11.62
CA ASP A 453 0.12 14.76 -10.49
C ASP A 453 1.15 13.67 -10.79
N LYS A 454 0.69 12.48 -11.21
CA LYS A 454 1.61 11.36 -11.54
C LYS A 454 2.51 11.74 -12.72
N VAL A 455 1.99 12.41 -13.74
CA VAL A 455 2.81 12.81 -14.90
C VAL A 455 3.91 13.78 -14.41
N GLU A 456 3.56 14.68 -13.52
CA GLU A 456 4.55 15.69 -12.98
C GLU A 456 5.64 14.95 -12.20
N THR A 457 5.25 13.95 -11.40
CA THR A 457 6.18 13.11 -10.63
C THR A 457 7.11 12.40 -11.63
N TYR A 458 6.55 11.75 -12.64
CA TYR A 458 7.32 11.05 -13.69
C TYR A 458 8.29 12.00 -14.38
N ARG A 459 7.81 13.19 -14.70
CA ARG A 459 8.59 14.18 -15.48
C ARG A 459 9.77 14.69 -14.64
N ALA A 460 9.72 14.58 -13.33
CA ALA A 460 10.85 15.02 -12.46
C ALA A 460 11.87 13.88 -12.32
N GLY A 461 11.61 12.71 -12.94
CA GLY A 461 12.52 11.54 -12.84
C GLY A 461 12.21 10.59 -11.69
N LEU A 462 11.23 10.90 -10.85
CA LEU A 462 10.86 10.09 -9.69
C LEU A 462 10.06 8.88 -10.14
N PRO A 463 10.08 7.81 -9.34
CA PRO A 463 9.16 6.70 -9.59
C PRO A 463 7.71 7.14 -9.38
N VAL A 464 6.79 6.44 -10.02
CA VAL A 464 5.34 6.66 -9.79
C VAL A 464 4.80 5.41 -9.11
N ASN A 465 4.34 5.46 -7.86
CA ASN A 465 3.74 4.28 -7.19
C ASN A 465 4.70 3.08 -7.20
N LEU A 466 5.79 3.12 -6.45
CA LEU A 466 6.69 1.95 -6.38
C LEU A 466 5.90 0.71 -5.93
N PRO A 467 6.26 -0.48 -6.42
CA PRO A 467 5.67 -1.72 -5.90
C PRO A 467 6.14 -1.92 -4.44
N VAL A 468 5.29 -2.53 -3.63
CA VAL A 468 5.42 -2.61 -2.15
C VAL A 468 6.02 -3.97 -1.78
N THR A 469 6.08 -4.90 -2.75
CA THR A 469 6.37 -6.35 -2.56
C THR A 469 7.10 -6.92 -3.79
N ASP A 470 7.31 -8.24 -3.84
CA ASP A 470 7.74 -9.02 -5.03
C ASP A 470 6.50 -9.68 -5.65
N GLU A 471 6.69 -10.53 -6.68
CA GLU A 471 5.61 -11.06 -7.58
C GLU A 471 4.63 -11.93 -6.78
N GLY A 472 5.15 -12.84 -5.96
CA GLY A 472 4.37 -13.86 -5.24
C GLY A 472 3.34 -13.21 -4.33
N THR A 473 3.80 -12.32 -3.45
CA THR A 473 2.99 -11.49 -2.51
C THR A 473 1.95 -10.69 -3.30
N TYR A 474 2.36 -10.12 -4.46
CA TYR A 474 1.59 -9.09 -5.21
C TYR A 474 0.40 -9.72 -5.94
N TYR A 475 0.62 -10.81 -6.70
CA TYR A 475 -0.45 -11.53 -7.45
C TYR A 475 -1.08 -12.62 -6.58
N GLY A 476 -0.62 -12.80 -5.32
CA GLY A 476 -1.08 -13.83 -4.36
C GLY A 476 -1.73 -13.27 -3.10
N ASN A 477 -1.90 -11.94 -2.98
CA ASN A 477 -2.68 -11.27 -1.88
C ASN A 477 -3.53 -10.16 -2.51
N PHE A 478 -4.85 -10.21 -2.32
CA PHE A 478 -5.79 -9.36 -3.07
C PHE A 478 -5.55 -7.89 -2.72
N GLU A 479 -5.51 -7.57 -1.42
CA GLU A 479 -5.29 -6.21 -0.88
C GLU A 479 -3.99 -5.62 -1.46
N ALA A 480 -2.92 -6.40 -1.59
CA ALA A 480 -1.60 -5.90 -2.04
C ALA A 480 -1.74 -5.35 -3.46
N GLU A 481 -2.40 -6.09 -4.36
CA GLU A 481 -2.51 -5.63 -5.75
C GLU A 481 -3.61 -4.58 -5.84
N PHE A 482 -4.71 -4.76 -5.11
CA PHE A 482 -5.85 -3.81 -5.20
C PHE A 482 -5.38 -2.42 -4.80
N ARG A 483 -4.49 -2.33 -3.79
CA ARG A 483 -4.04 -1.03 -3.23
C ARG A 483 -2.90 -0.41 -4.04
N ASN A 484 -2.23 -1.20 -4.88
N ASN A 484 -2.26 -1.21 -4.90
CA ASN A 484 -1.08 -0.72 -5.70
CA ASN A 484 -1.05 -0.82 -5.67
C ASN A 484 -1.23 -1.36 -7.09
C ASN A 484 -1.23 -1.38 -7.09
N PHE A 485 -2.31 -1.03 -7.78
CA PHE A 485 -2.69 -1.78 -9.00
C PHE A 485 -1.81 -1.36 -10.17
N TRP A 486 -1.81 -0.07 -10.47
CA TRP A 486 -0.90 0.47 -11.51
C TRP A 486 0.32 1.04 -10.79
N THR A 487 1.47 0.42 -11.03
CA THR A 487 2.74 0.74 -10.34
C THR A 487 3.74 1.34 -11.35
N ASN A 488 4.92 1.69 -10.84
CA ASN A 488 5.94 2.40 -11.62
C ASN A 488 6.19 1.70 -12.96
N SER A 489 6.33 0.38 -12.99
CA SER A 489 6.60 -0.39 -14.23
C SER A 489 5.51 -0.10 -15.26
N ASN A 490 4.26 -0.09 -14.81
CA ASN A 490 3.09 0.08 -15.71
C ASN A 490 3.13 1.49 -16.33
N TYR A 491 3.38 2.50 -15.51
CA TYR A 491 3.52 3.90 -15.99
C TYR A 491 4.67 4.01 -16.97
N TYR A 492 5.83 3.43 -16.66
CA TYR A 492 6.97 3.50 -17.61
C TYR A 492 6.61 2.82 -18.94
N CYS A 493 5.99 1.64 -18.92
CA CYS A 493 5.68 0.88 -20.15
C CYS A 493 4.88 1.78 -21.10
N ILE A 494 3.89 2.48 -20.56
CA ILE A 494 2.98 3.30 -21.42
C ILE A 494 3.62 4.67 -21.73
N PHE A 495 4.11 5.40 -20.74
CA PHE A 495 4.69 6.75 -20.99
C PHE A 495 5.89 6.61 -21.92
N ALA A 496 6.87 5.79 -21.55
CA ALA A 496 8.10 5.65 -22.34
C ALA A 496 7.76 4.97 -23.66
N GLY A 497 6.83 3.99 -23.69
CA GLY A 497 6.41 3.34 -24.92
C GLY A 497 5.91 4.35 -25.92
N LEU A 498 5.14 5.34 -25.48
CA LEU A 498 4.54 6.36 -26.39
C LEU A 498 5.54 7.46 -26.73
N GLY A 499 6.64 7.53 -25.97
CA GLY A 499 7.72 8.52 -26.18
C GLY A 499 7.69 9.66 -25.18
N LEU A 500 6.84 9.65 -24.14
CA LEU A 500 6.94 10.61 -23.03
C LEU A 500 8.08 10.19 -22.11
N MET A 501 9.08 11.07 -21.96
CA MET A 501 10.26 10.82 -21.12
C MET A 501 10.30 11.81 -19.98
N PRO A 502 11.02 11.48 -18.89
CA PRO A 502 11.31 12.47 -17.84
C PRO A 502 12.05 13.68 -18.44
N ARG A 503 11.90 14.84 -17.82
CA ARG A 503 12.60 16.08 -18.24
C ARG A 503 14.11 15.84 -18.09
N ASN A 504 14.52 15.06 -17.08
CA ASN A 504 15.94 14.80 -16.78
C ASN A 504 16.02 13.52 -15.98
N PRO A 505 17.21 12.90 -15.86
CA PRO A 505 17.33 11.71 -15.04
C PRO A 505 16.99 12.02 -13.58
N LEU A 506 16.67 10.97 -12.84
CA LEU A 506 16.51 11.03 -11.38
C LEU A 506 17.79 11.64 -10.79
N PRO A 507 17.76 12.81 -10.15
CA PRO A 507 19.01 13.46 -9.73
C PRO A 507 19.88 12.60 -8.81
N ALA A 508 19.28 11.75 -7.97
CA ALA A 508 20.05 10.91 -7.03
C ALA A 508 21.09 10.08 -7.77
N LEU A 509 20.80 9.67 -9.02
CA LEU A 509 21.70 8.76 -9.77
C LEU A 509 23.07 9.44 -10.02
N ALA A 510 23.11 10.78 -10.04
CA ALA A 510 24.37 11.53 -10.31
C ALA A 510 25.38 11.31 -9.16
N TYR A 511 24.93 10.84 -8.02
CA TYR A 511 25.76 10.63 -6.82
C TYR A 511 26.07 9.16 -6.59
N LYS A 512 25.69 8.26 -7.51
CA LYS A 512 25.63 6.82 -7.15
C LYS A 512 26.32 5.96 -8.20
N PRO A 513 27.63 6.17 -8.44
CA PRO A 513 28.33 5.43 -9.48
C PRO A 513 28.28 3.92 -9.23
N GLN A 514 28.31 3.47 -7.98
CA GLN A 514 28.31 2.03 -7.63
C GLN A 514 26.94 1.45 -8.01
N SER A 515 25.88 2.24 -7.83
CA SER A 515 24.50 1.78 -8.12
C SER A 515 24.32 1.66 -9.64
N ILE A 516 24.80 2.64 -10.40
CA ILE A 516 24.84 2.60 -11.89
CA ILE A 516 24.82 2.59 -11.88
C ILE A 516 25.51 1.30 -12.34
N ALA A 517 26.65 0.94 -11.72
CA ALA A 517 27.37 -0.31 -12.07
C ALA A 517 26.54 -1.56 -11.75
N GLU A 518 25.87 -1.57 -10.59
CA GLU A 518 24.98 -2.69 -10.20
C GLU A 518 23.85 -2.82 -11.25
N ALA A 519 23.31 -1.71 -11.73
CA ALA A 519 22.22 -1.72 -12.73
C ALA A 519 22.75 -2.32 -14.03
N GLU A 520 24.00 -2.04 -14.42
CA GLU A 520 24.59 -2.67 -15.64
C GLU A 520 24.54 -4.19 -15.50
N LEU A 521 24.77 -4.75 -14.30
CA LEU A 521 24.66 -6.21 -14.08
C LEU A 521 23.21 -6.66 -14.25
N LEU A 522 22.23 -5.87 -13.80
CA LEU A 522 20.81 -6.23 -14.01
C LEU A 522 20.48 -6.20 -15.52
N PHE A 523 20.94 -5.21 -16.27
CA PHE A 523 20.69 -5.17 -17.74
C PHE A 523 21.27 -6.42 -18.39
N ALA A 524 22.48 -6.79 -18.00
CA ALA A 524 23.13 -8.01 -18.53
C ALA A 524 22.32 -9.23 -18.12
N ASP A 525 21.78 -9.27 -16.90
CA ASP A 525 20.93 -10.41 -16.45
C ASP A 525 19.69 -10.51 -17.35
N VAL A 526 19.04 -9.39 -17.67
CA VAL A 526 17.85 -9.40 -18.57
C VAL A 526 18.24 -10.05 -19.91
N LYS A 527 19.41 -9.70 -20.46
CA LYS A 527 19.85 -10.17 -21.79
C LYS A 527 20.13 -11.66 -21.70
N ARG A 528 20.87 -12.08 -20.67
CA ARG A 528 21.23 -13.52 -20.49
C ARG A 528 19.97 -14.35 -20.26
N LYS A 529 18.99 -13.84 -19.51
CA LYS A 529 17.75 -14.60 -19.23
C LYS A 529 16.93 -14.72 -20.52
N GLY A 530 16.77 -13.63 -21.26
CA GLY A 530 16.09 -13.71 -22.57
C GLY A 530 16.76 -14.68 -23.51
N ASP A 531 18.10 -14.63 -23.62
CA ASP A 531 18.86 -15.58 -24.46
C ASP A 531 18.56 -17.01 -24.02
N THR A 532 18.64 -17.30 -22.74
CA THR A 532 18.48 -18.64 -22.15
C THR A 532 17.07 -19.15 -22.39
N LEU A 533 16.07 -18.31 -22.12
CA LEU A 533 14.67 -18.80 -22.17
C LEU A 533 14.17 -18.88 -23.61
N VAL A 534 14.63 -18.01 -24.49
CA VAL A 534 14.26 -18.17 -25.93
C VAL A 534 14.80 -19.52 -26.44
N GLU A 535 15.97 -19.92 -25.99
CA GLU A 535 16.62 -21.19 -26.44
C GLU A 535 15.84 -22.39 -25.87
N SER A 536 15.45 -22.35 -24.61
CA SER A 536 14.99 -23.53 -23.84
C SER A 536 13.46 -23.67 -23.78
N LEU A 537 12.70 -22.59 -23.95
CA LEU A 537 11.22 -22.67 -23.85
C LEU A 537 10.63 -23.34 -25.09
N PRO A 538 9.47 -23.99 -24.94
CA PRO A 538 8.69 -24.44 -26.07
C PRO A 538 7.96 -23.27 -26.74
N SER A 539 7.54 -23.41 -27.98
CA SER A 539 6.62 -22.45 -28.63
C SER A 539 5.32 -22.41 -27.80
N THR A 540 4.61 -21.25 -27.79
CA THR A 540 3.25 -21.18 -27.21
C THR A 540 2.36 -22.23 -27.88
N TYR A 541 2.49 -22.41 -29.19
CA TYR A 541 1.70 -23.38 -30.00
C TYR A 541 1.86 -24.78 -29.42
N ASP A 542 3.11 -25.18 -29.16
CA ASP A 542 3.39 -26.54 -28.62
C ASP A 542 2.86 -26.70 -27.19
N LEU A 543 2.97 -25.67 -26.35
CA LEU A 543 2.40 -25.74 -24.99
C LEU A 543 0.88 -25.85 -25.09
N LEU A 544 0.25 -25.08 -25.99
CA LEU A 544 -1.22 -25.13 -26.15
C LEU A 544 -1.68 -26.49 -26.66
N ARG A 545 -1.00 -27.06 -27.67
CA ARG A 545 -1.32 -28.40 -28.23
C ARG A 545 -1.25 -29.43 -27.10
N GLN A 546 -0.28 -29.34 -26.21
CA GLN A 546 -0.15 -30.28 -25.07
C GLN A 546 -1.28 -30.07 -24.05
N LEU A 547 -1.55 -28.81 -23.67
CA LEU A 547 -2.59 -28.49 -22.67
C LEU A 547 -3.97 -28.97 -23.16
N HIS A 548 -4.33 -28.68 -24.39
CA HIS A 548 -5.67 -28.96 -24.96
C HIS A 548 -5.73 -30.38 -25.56
N GLY A 549 -4.60 -31.08 -25.63
CA GLY A 549 -4.47 -32.43 -26.22
C GLY A 549 -4.87 -32.44 -27.69
N ALA A 550 -4.35 -31.49 -28.47
CA ALA A 550 -4.71 -31.27 -29.90
C ALA A 550 -4.02 -32.31 -30.77
N ASP B 22 28.75 19.26 -14.31
CA ASP B 22 28.49 18.88 -12.90
C ASP B 22 27.66 19.97 -12.21
N ASN B 23 26.34 19.81 -12.17
CA ASN B 23 25.45 20.72 -11.40
C ASN B 23 25.01 20.06 -10.08
N ARG B 24 25.75 19.05 -9.65
CA ARG B 24 25.52 18.34 -8.37
C ARG B 24 25.78 19.20 -7.13
N ILE B 25 25.06 18.90 -6.07
CA ILE B 25 25.46 19.27 -4.69
C ILE B 25 26.88 18.75 -4.48
N LYS B 26 27.80 19.60 -3.98
CA LYS B 26 29.20 19.18 -3.71
C LYS B 26 29.48 19.05 -2.21
N THR B 27 28.80 19.84 -1.40
CA THR B 27 28.96 19.83 0.07
C THR B 27 27.57 19.90 0.71
N VAL B 28 27.35 19.01 1.68
CA VAL B 28 26.19 19.07 2.58
C VAL B 28 26.70 19.47 3.96
N VAL B 29 26.06 20.48 4.54
CA VAL B 29 26.36 20.91 5.93
C VAL B 29 25.17 20.55 6.81
N ILE B 30 25.44 19.78 7.86
CA ILE B 30 24.44 19.35 8.85
C ILE B 30 24.64 20.22 10.09
N LEU B 31 23.61 20.97 10.50
CA LEU B 31 23.67 21.73 11.77
C LEU B 31 23.10 20.88 12.86
N GLY B 32 23.92 20.48 13.82
CA GLY B 32 23.47 19.71 14.98
C GLY B 32 23.93 18.27 14.92
N GLY B 33 24.23 17.71 16.10
CA GLY B 33 24.57 16.30 16.26
C GLY B 33 23.37 15.56 16.80
N GLY B 34 23.57 14.82 17.86
CA GLY B 34 22.58 13.89 18.40
C GLY B 34 22.17 12.85 17.38
N THR B 35 21.04 12.22 17.63
CA THR B 35 20.55 11.15 16.73
C THR B 35 20.25 11.77 15.38
N ALA B 36 19.60 12.93 15.30
CA ALA B 36 19.20 13.46 13.99
C ALA B 36 20.44 13.75 13.15
N GLY B 37 21.41 14.51 13.70
CA GLY B 37 22.58 14.90 12.92
C GLY B 37 23.43 13.74 12.50
N TRP B 38 23.72 12.79 13.39
CA TRP B 38 24.66 11.69 13.06
C TRP B 38 23.93 10.57 12.30
N MET B 39 22.63 10.39 12.51
CA MET B 39 21.87 9.47 11.60
C MET B 39 21.92 10.04 10.19
N THR B 40 21.70 11.34 10.03
CA THR B 40 21.72 11.99 8.71
C THR B 40 23.12 11.80 8.11
N ALA B 41 24.17 12.13 8.87
CA ALA B 41 25.53 12.05 8.32
C ALA B 41 25.86 10.63 7.87
N ALA B 42 25.60 9.63 8.71
CA ALA B 42 25.99 8.25 8.41
C ALA B 42 25.16 7.76 7.21
N TYR B 43 23.87 8.08 7.16
CA TYR B 43 23.01 7.58 6.06
C TYR B 43 23.45 8.21 4.74
N LEU B 44 23.61 9.54 4.68
CA LEU B 44 24.06 10.22 3.45
C LEU B 44 25.48 9.78 3.11
N GLY B 45 26.33 9.49 4.11
CA GLY B 45 27.66 8.90 3.89
C GLY B 45 27.63 7.65 3.04
N LYS B 46 26.69 6.76 3.30
CA LYS B 46 26.47 5.53 2.51
C LYS B 46 25.78 5.88 1.19
N ALA B 47 24.71 6.66 1.23
CA ALA B 47 23.86 6.93 0.05
C ALA B 47 24.63 7.63 -1.08
N LEU B 48 25.54 8.55 -0.75
CA LEU B 48 26.16 9.44 -1.77
C LEU B 48 27.54 8.93 -2.21
N GLN B 49 27.99 7.78 -1.72
CA GLN B 49 29.07 6.97 -2.35
C GLN B 49 30.34 7.82 -2.61
N ASN B 50 30.70 8.64 -1.62
CA ASN B 50 31.95 9.46 -1.63
C ASN B 50 31.91 10.54 -2.72
N THR B 51 30.74 10.96 -3.23
CA THR B 51 30.66 12.03 -4.27
C THR B 51 30.41 13.39 -3.65
N VAL B 52 30.11 13.45 -2.35
CA VAL B 52 29.68 14.71 -1.69
C VAL B 52 30.44 14.87 -0.37
N LYS B 53 31.02 16.04 -0.16
CA LYS B 53 31.62 16.36 1.16
C LYS B 53 30.51 16.51 2.19
N ILE B 54 30.61 15.84 3.32
CA ILE B 54 29.63 15.97 4.45
C ILE B 54 30.34 16.57 5.68
N VAL B 55 29.72 17.59 6.24
CA VAL B 55 30.19 18.34 7.44
C VAL B 55 29.09 18.36 8.48
N VAL B 56 29.40 18.00 9.73
CA VAL B 56 28.48 18.20 10.87
C VAL B 56 29.03 19.30 11.75
N LEU B 57 28.26 20.35 11.95
CA LEU B 57 28.61 21.42 12.92
C LEU B 57 27.90 21.12 14.23
N GLU B 58 28.65 20.77 15.27
CA GLU B 58 28.01 20.38 16.55
C GLU B 58 28.79 21.02 17.71
N ALA B 59 28.12 21.82 18.54
CA ALA B 59 28.76 22.44 19.73
C ALA B 59 29.16 21.34 20.71
N PRO B 60 30.24 21.49 21.50
CA PRO B 60 30.51 20.53 22.57
C PRO B 60 29.32 20.62 23.54
N THR B 61 28.76 19.52 23.99
CA THR B 61 27.70 19.58 25.01
C THR B 61 27.94 18.45 25.99
N ILE B 62 27.38 18.59 27.18
CA ILE B 62 27.32 17.50 28.17
C ILE B 62 25.96 16.84 28.05
N PRO B 63 25.92 15.53 27.77
CA PRO B 63 24.66 14.79 27.81
C PRO B 63 23.91 15.05 29.13
N ARG B 64 22.64 15.43 29.05
CA ARG B 64 21.75 15.41 30.25
C ARG B 64 21.64 13.92 30.61
N ILE B 65 21.01 13.55 31.72
CA ILE B 65 21.02 12.12 32.14
C ILE B 65 20.27 11.31 31.07
N GLY B 66 20.70 10.07 30.79
CA GLY B 66 20.17 9.18 29.73
C GLY B 66 18.77 8.70 30.04
N VAL B 67 17.75 9.50 29.74
CA VAL B 67 16.34 9.23 30.13
C VAL B 67 15.71 8.14 29.24
N GLY B 68 16.46 7.62 28.25
CA GLY B 68 16.17 6.39 27.53
C GLY B 68 15.23 6.65 26.37
N GLU B 69 15.41 5.90 25.30
CA GLU B 69 14.59 6.02 24.07
C GLU B 69 14.11 4.63 23.63
N ALA B 70 12.85 4.56 23.22
CA ALA B 70 12.25 3.31 22.68
C ALA B 70 12.00 3.49 21.18
N THR B 71 11.98 2.38 20.45
CA THR B 71 11.99 2.35 18.97
C THR B 71 10.95 1.35 18.44
N ILE B 72 10.93 1.23 17.13
CA ILE B 72 10.06 0.24 16.45
C ILE B 72 10.93 -0.69 15.62
N PRO B 73 10.38 -1.86 15.23
CA PRO B 73 11.21 -2.96 14.75
C PRO B 73 12.02 -2.76 13.47
N ASN B 74 11.70 -1.76 12.62
CA ASN B 74 12.43 -1.65 11.34
C ASN B 74 13.75 -0.86 11.52
N LEU B 75 14.09 -0.39 12.73
CA LEU B 75 15.37 0.35 12.91
C LEU B 75 16.55 -0.50 12.42
N GLN B 76 16.65 -1.79 12.73
CA GLN B 76 17.81 -2.59 12.27
C GLN B 76 17.80 -2.72 10.74
N ARG B 77 16.68 -3.14 10.14
CA ARG B 77 16.65 -3.38 8.65
C ARG B 77 16.78 -2.07 7.87
N ALA B 78 16.09 -1.01 8.26
CA ALA B 78 16.00 0.26 7.49
C ALA B 78 17.26 1.13 7.68
N PHE B 79 17.99 0.95 8.80
CA PHE B 79 19.07 1.88 9.18
C PHE B 79 20.40 1.14 9.43
N PHE B 80 20.53 0.35 10.47
CA PHE B 80 21.85 -0.28 10.79
C PHE B 80 22.27 -1.23 9.68
N ASP B 81 21.36 -2.05 9.14
CA ASP B 81 21.72 -3.00 8.07
C ASP B 81 22.21 -2.26 6.82
N TYR B 82 21.61 -1.11 6.53
CA TYR B 82 22.01 -0.28 5.38
C TYR B 82 23.49 0.14 5.54
N LEU B 83 23.92 0.46 6.77
CA LEU B 83 25.29 0.93 7.08
C LEU B 83 26.24 -0.27 7.24
N GLY B 84 25.71 -1.49 7.29
CA GLY B 84 26.53 -2.71 7.50
C GLY B 84 26.94 -2.90 8.96
N ILE B 85 26.16 -2.38 9.91
CA ILE B 85 26.48 -2.42 11.36
C ILE B 85 25.64 -3.53 11.99
N PRO B 86 26.26 -4.64 12.46
CA PRO B 86 25.48 -5.67 13.14
C PRO B 86 24.78 -5.17 14.40
N GLU B 87 23.58 -5.70 14.62
CA GLU B 87 22.70 -5.35 15.76
C GLU B 87 23.50 -5.40 17.09
N GLU B 88 24.20 -6.50 17.35
CA GLU B 88 24.82 -6.73 18.68
C GLU B 88 25.91 -5.67 18.87
N GLU B 89 26.58 -5.27 17.80
CA GLU B 89 27.69 -4.29 17.91
C GLU B 89 27.14 -2.95 18.41
N TRP B 90 26.08 -2.40 17.82
CA TRP B 90 25.59 -1.08 18.27
C TRP B 90 24.92 -1.23 19.63
N MET B 91 24.21 -2.33 19.85
CA MET B 91 23.48 -2.54 21.12
C MET B 91 24.49 -2.51 22.28
N ARG B 92 25.65 -3.09 22.09
CA ARG B 92 26.68 -3.20 23.16
CA ARG B 92 26.68 -3.21 23.17
C ARG B 92 27.26 -1.82 23.49
N GLU B 93 27.11 -0.83 22.59
CA GLU B 93 27.69 0.53 22.80
C GLU B 93 26.67 1.50 23.40
N CYS B 94 25.39 1.12 23.60
CA CYS B 94 24.42 2.09 24.15
C CYS B 94 23.48 1.46 25.17
N ASN B 95 23.97 0.45 25.90
CA ASN B 95 23.26 -0.23 27.01
C ASN B 95 21.85 -0.64 26.53
N ALA B 96 21.76 -1.17 25.31
CA ALA B 96 20.45 -1.42 24.66
C ALA B 96 19.76 -2.63 25.29
N SER B 97 18.43 -2.57 25.34
CA SER B 97 17.56 -3.67 25.78
C SER B 97 16.43 -3.89 24.76
N TYR B 98 15.64 -4.93 24.99
CA TYR B 98 14.62 -5.48 24.07
C TYR B 98 13.24 -4.96 24.42
N LYS B 99 12.47 -4.71 23.36
CA LYS B 99 11.13 -4.10 23.46
C LYS B 99 10.16 -4.94 22.62
N MET B 100 9.13 -5.52 23.22
CA MET B 100 8.14 -6.32 22.46
C MET B 100 6.82 -5.55 22.31
N ALA B 101 6.67 -4.42 22.97
CA ALA B 101 5.42 -3.66 23.01
C ALA B 101 5.60 -2.38 23.80
N ILE B 102 4.59 -1.52 23.75
CA ILE B 102 4.28 -0.55 24.82
C ILE B 102 3.11 -1.14 25.62
N LYS B 103 3.23 -1.12 26.94
CA LYS B 103 2.21 -1.58 27.93
C LYS B 103 1.58 -0.36 28.56
N PHE B 104 0.29 -0.16 28.35
CA PHE B 104 -0.48 1.00 28.81
C PHE B 104 -1.11 0.65 30.16
N ILE B 105 -0.80 1.46 31.18
CA ILE B 105 -1.23 1.22 32.60
C ILE B 105 -2.09 2.39 33.08
N ASN B 106 -3.32 2.09 33.54
CA ASN B 106 -4.24 3.06 34.19
C ASN B 106 -4.79 4.12 33.22
N TRP B 107 -4.85 3.80 31.91
CA TRP B 107 -5.46 4.73 30.92
C TRP B 107 -6.99 4.70 30.97
N ARG B 108 -7.60 3.76 31.72
CA ARG B 108 -9.07 3.62 31.76
C ARG B 108 -9.65 3.94 33.14
N THR B 109 -8.84 4.16 34.18
CA THR B 109 -9.32 4.27 35.58
C THR B 109 -8.84 5.57 36.20
N PRO B 110 -9.66 6.16 37.10
CA PRO B 110 -9.31 7.44 37.71
C PRO B 110 -8.28 7.30 38.82
N GLY B 111 -7.58 8.40 39.10
CA GLY B 111 -6.76 8.55 40.31
C GLY B 111 -5.34 8.98 40.02
N GLU B 112 -4.53 9.00 41.07
CA GLU B 112 -3.13 9.48 41.06
C GLU B 112 -2.30 8.56 40.21
N GLY B 113 -1.19 9.06 39.71
CA GLY B 113 -0.16 8.22 39.08
C GLY B 113 0.29 7.13 40.03
N SER B 114 0.22 5.87 39.60
CA SER B 114 0.79 4.69 40.27
C SER B 114 1.42 3.80 39.20
N PRO B 115 2.56 3.14 39.49
CA PRO B 115 3.14 2.20 38.54
C PRO B 115 2.36 0.89 38.50
N ASP B 116 1.46 0.70 39.48
CA ASP B 116 0.69 -0.55 39.66
C ASP B 116 -0.69 -0.34 39.06
N PRO B 117 -1.14 -1.29 38.22
CA PRO B 117 -2.44 -1.16 37.58
C PRO B 117 -3.58 -1.21 38.60
N ARG B 118 -4.56 -0.33 38.42
CA ARG B 118 -5.85 -0.42 39.15
C ARG B 118 -6.67 -1.58 38.57
N THR B 119 -7.81 -1.87 39.17
CA THR B 119 -8.71 -2.97 38.78
C THR B 119 -9.92 -2.38 38.04
N LEU B 120 -10.22 -2.93 36.87
CA LEU B 120 -11.44 -2.58 36.10
C LEU B 120 -12.66 -3.20 36.78
N ASP B 121 -13.85 -2.75 36.36
CA ASP B 121 -15.16 -3.26 36.83
C ASP B 121 -15.22 -4.78 36.67
N ASP B 122 -14.63 -5.36 35.61
CA ASP B 122 -14.71 -6.82 35.29
C ASP B 122 -13.64 -7.61 36.04
N GLY B 123 -12.83 -6.97 36.89
CA GLY B 123 -11.84 -7.68 37.71
C GLY B 123 -10.47 -7.76 37.06
N HIS B 124 -10.33 -7.44 35.77
CA HIS B 124 -9.00 -7.40 35.10
C HIS B 124 -8.20 -6.18 35.57
N THR B 125 -6.87 -6.29 35.62
CA THR B 125 -5.96 -5.12 35.81
C THR B 125 -6.18 -4.15 34.65
N ASP B 126 -6.05 -2.85 34.91
CA ASP B 126 -6.12 -1.79 33.87
C ASP B 126 -4.77 -1.75 33.13
N THR B 127 -4.54 -2.75 32.30
CA THR B 127 -3.34 -2.84 31.45
C THR B 127 -3.77 -3.31 30.07
N PHE B 128 -3.12 -2.81 29.03
CA PHE B 128 -3.22 -3.41 27.68
C PHE B 128 -1.91 -3.22 26.94
N HIS B 129 -1.58 -4.18 26.07
CA HIS B 129 -0.33 -4.20 25.30
C HIS B 129 -0.60 -3.74 23.85
N HIS B 130 0.38 -3.07 23.29
CA HIS B 130 0.50 -2.74 21.84
C HIS B 130 1.75 -3.41 21.34
N PRO B 131 1.70 -4.70 21.01
CA PRO B 131 2.86 -5.46 20.59
C PRO B 131 3.13 -5.38 19.09
N PHE B 132 4.26 -5.96 18.66
CA PHE B 132 4.73 -5.94 17.25
C PHE B 132 4.41 -7.26 16.57
N GLY B 133 3.98 -8.26 17.35
CA GLY B 133 3.59 -9.57 16.81
C GLY B 133 2.56 -9.40 15.69
N LEU B 134 2.58 -10.29 14.70
CA LEU B 134 1.64 -10.25 13.54
C LEU B 134 0.32 -10.89 13.99
N LEU B 135 -0.83 -10.38 13.53
CA LEU B 135 -2.14 -11.07 13.66
C LEU B 135 -2.30 -12.02 12.50
N PRO B 136 -2.54 -13.33 12.74
CA PRO B 136 -2.87 -14.25 11.66
C PRO B 136 -4.31 -13.97 11.20
N SER B 137 -4.67 -14.53 10.07
CA SER B 137 -6.02 -14.37 9.47
CA SER B 137 -6.00 -14.38 9.43
C SER B 137 -6.59 -15.76 9.20
N ALA B 138 -7.90 -15.84 9.14
CA ALA B 138 -8.64 -17.00 8.66
C ALA B 138 -9.63 -16.47 7.62
N ASP B 139 -9.62 -17.07 6.44
CA ASP B 139 -10.56 -16.65 5.37
C ASP B 139 -10.36 -15.15 5.10
N GLN B 140 -9.11 -14.70 5.10
CA GLN B 140 -8.69 -13.31 4.77
C GLN B 140 -9.21 -12.32 5.81
N ILE B 141 -9.66 -12.78 6.98
CA ILE B 141 -10.18 -11.89 8.05
C ILE B 141 -9.22 -11.98 9.22
N PRO B 142 -8.71 -10.85 9.75
CA PRO B 142 -7.77 -10.91 10.86
C PRO B 142 -8.36 -11.51 12.14
N LEU B 143 -7.52 -12.16 12.95
CA LEU B 143 -7.94 -12.75 14.25
C LEU B 143 -8.63 -11.71 15.16
N SER B 144 -8.28 -10.44 15.12
CA SER B 144 -8.97 -9.34 15.85
C SER B 144 -10.49 -9.45 15.68
N HIS B 145 -10.95 -9.75 14.47
CA HIS B 145 -12.40 -9.65 14.11
C HIS B 145 -13.17 -10.85 14.70
N TYR B 146 -12.52 -11.99 14.76
CA TYR B 146 -13.10 -13.19 15.41
C TYR B 146 -13.15 -12.95 16.92
N TRP B 147 -12.10 -12.33 17.48
CA TRP B 147 -12.10 -11.96 18.92
C TRP B 147 -13.23 -10.95 19.20
N ALA B 148 -13.36 -9.89 18.41
CA ALA B 148 -14.40 -8.86 18.62
C ALA B 148 -15.80 -9.49 18.52
N ALA B 149 -16.01 -10.45 17.62
CA ALA B 149 -17.35 -11.08 17.44
C ALA B 149 -17.69 -11.81 18.74
N LYS B 150 -16.76 -12.61 19.24
CA LYS B 150 -17.01 -13.39 20.49
C LYS B 150 -17.23 -12.42 21.64
N ARG B 151 -16.41 -11.37 21.74
CA ARG B 151 -16.50 -10.41 22.86
C ARG B 151 -17.89 -9.78 22.84
N LEU B 152 -18.35 -9.33 21.67
CA LEU B 152 -19.63 -8.58 21.56
C LEU B 152 -20.82 -9.54 21.74
N GLN B 153 -20.65 -10.83 21.44
CA GLN B 153 -21.73 -11.86 21.47
C GLN B 153 -21.73 -12.55 22.84
N GLY B 154 -20.94 -12.03 23.78
CA GLY B 154 -20.78 -12.54 25.16
C GLY B 154 -20.18 -13.92 25.23
N GLU B 155 -19.33 -14.32 24.27
CA GLU B 155 -18.77 -15.69 24.20
C GLU B 155 -17.31 -15.75 24.66
N THR B 156 -16.70 -14.62 25.04
CA THR B 156 -15.36 -14.57 25.69
C THR B 156 -15.31 -13.34 26.59
N ASP B 157 -14.61 -13.47 27.71
CA ASP B 157 -14.29 -12.34 28.63
C ASP B 157 -12.80 -12.01 28.50
N GLU B 158 -12.10 -12.67 27.58
CA GLU B 158 -10.63 -12.50 27.41
C GLU B 158 -10.35 -11.16 26.71
N ASN B 159 -9.26 -10.49 27.11
CA ASN B 159 -8.83 -9.22 26.50
C ASN B 159 -8.19 -9.52 25.14
N PHE B 160 -8.25 -8.53 24.24
CA PHE B 160 -7.70 -8.64 22.88
C PHE B 160 -6.25 -9.11 22.91
N ASP B 161 -5.42 -8.42 23.70
CA ASP B 161 -3.95 -8.68 23.70
C ASP B 161 -3.68 -10.12 24.13
N GLU B 162 -4.34 -10.62 25.17
CA GLU B 162 -4.13 -12.01 25.66
C GLU B 162 -4.65 -13.05 24.64
N ALA B 163 -5.78 -12.78 23.99
CA ALA B 163 -6.41 -13.70 23.01
C ALA B 163 -5.54 -13.83 21.75
N CYS B 164 -4.95 -12.73 21.29
CA CYS B 164 -4.49 -12.65 19.87
C CYS B 164 -2.97 -12.62 19.71
N PHE B 165 -2.19 -12.42 20.78
CA PHE B 165 -0.72 -12.40 20.66
C PHE B 165 -0.05 -13.28 21.74
N ALA B 166 0.72 -14.26 21.32
CA ALA B 166 1.58 -15.05 22.24
C ALA B 166 2.51 -14.09 22.98
N ASP B 167 2.89 -12.98 22.32
CA ASP B 167 3.81 -11.98 22.89
C ASP B 167 3.33 -11.53 24.26
N THR B 168 2.02 -11.45 24.49
CA THR B 168 1.46 -10.95 25.76
C THR B 168 1.91 -11.86 26.92
N ALA B 169 1.82 -13.17 26.72
CA ALA B 169 2.24 -14.18 27.72
C ALA B 169 3.75 -14.05 27.95
N ILE B 170 4.51 -13.93 26.88
CA ILE B 170 5.99 -13.78 26.95
C ILE B 170 6.31 -12.53 27.79
N MET B 171 5.67 -11.39 27.51
CA MET B 171 5.92 -10.15 28.27
C MET B 171 5.49 -10.29 29.74
N ASN B 172 4.33 -10.89 30.03
CA ASN B 172 3.83 -11.06 31.42
C ASN B 172 4.88 -11.84 32.24
N ALA B 173 5.62 -12.75 31.61
CA ALA B 173 6.65 -13.60 32.25
C ALA B 173 8.02 -12.92 32.20
N LYS B 174 8.11 -11.73 31.58
CA LYS B 174 9.37 -10.96 31.38
C LYS B 174 10.41 -11.80 30.61
N LYS B 175 9.98 -12.76 29.79
CA LYS B 175 10.88 -13.57 28.93
C LYS B 175 11.31 -12.74 27.71
N ALA B 176 12.43 -13.13 27.13
CA ALA B 176 13.16 -12.40 26.08
C ALA B 176 12.61 -12.77 24.71
N PRO B 177 12.81 -11.93 23.66
CA PRO B 177 12.30 -12.26 22.34
C PRO B 177 13.24 -13.17 21.53
N ARG B 178 14.41 -13.50 22.09
CA ARG B 178 15.33 -14.46 21.44
C ARG B 178 15.76 -15.48 22.49
N PHE B 179 16.17 -16.66 22.03
CA PHE B 179 16.79 -17.69 22.89
C PHE B 179 18.25 -17.29 23.14
N LEU B 180 18.93 -17.94 24.09
CA LEU B 180 20.35 -17.62 24.40
C LEU B 180 21.22 -17.98 23.19
N ASP B 181 20.78 -18.87 22.30
CA ASP B 181 21.51 -19.18 21.04
C ASP B 181 21.21 -18.10 19.99
N MET B 182 20.43 -17.08 20.37
CA MET B 182 20.04 -15.90 19.54
C MET B 182 19.10 -16.28 18.39
N ARG B 183 18.51 -17.48 18.40
CA ARG B 183 17.38 -17.79 17.49
C ARG B 183 16.21 -16.87 17.85
N ARG B 184 15.54 -16.30 16.86
CA ARG B 184 14.40 -15.38 17.08
C ARG B 184 13.16 -16.16 17.53
N ALA B 185 12.43 -15.65 18.52
CA ALA B 185 11.12 -16.21 18.92
C ALA B 185 9.99 -15.25 18.53
N THR B 186 10.23 -13.94 18.59
CA THR B 186 9.18 -12.93 18.34
C THR B 186 9.78 -11.75 17.59
N ASN B 187 8.91 -10.90 17.07
CA ASN B 187 9.30 -9.54 16.62
C ASN B 187 9.65 -8.69 17.84
N TYR B 188 10.53 -7.71 17.67
CA TYR B 188 10.92 -6.82 18.78
C TYR B 188 11.63 -5.60 18.21
N ALA B 189 11.69 -4.58 19.04
CA ALA B 189 12.52 -3.39 18.80
C ALA B 189 13.41 -3.14 20.04
N TRP B 190 13.82 -1.90 20.26
CA TRP B 190 14.99 -1.58 21.14
C TRP B 190 14.68 -0.43 22.08
N HIS B 191 15.26 -0.55 23.28
CA HIS B 191 15.45 0.54 24.27
C HIS B 191 16.93 0.84 24.31
N PHE B 192 17.28 2.12 24.39
CA PHE B 192 18.71 2.48 24.48
C PHE B 192 18.89 3.91 24.92
N ASP B 193 20.14 4.20 25.31
CA ASP B 193 20.64 5.56 25.59
C ASP B 193 20.90 6.23 24.24
N ALA B 194 20.08 7.20 23.87
CA ALA B 194 20.10 7.88 22.56
C ALA B 194 21.42 8.67 22.42
N SER B 195 21.93 9.28 23.50
CA SER B 195 23.24 9.99 23.44
C SER B 195 24.35 9.02 23.04
N LYS B 196 24.35 7.79 23.58
CA LYS B 196 25.41 6.80 23.27
C LYS B 196 25.26 6.32 21.81
N VAL B 197 24.02 6.16 21.33
CA VAL B 197 23.82 5.78 19.90
C VAL B 197 24.39 6.91 19.04
N ALA B 198 24.08 8.15 19.37
CA ALA B 198 24.57 9.27 18.56
C ALA B 198 26.10 9.28 18.58
N ALA B 199 26.74 9.08 19.74
CA ALA B 199 28.22 9.07 19.87
C ALA B 199 28.79 7.92 19.04
N PHE B 200 28.15 6.74 19.09
CA PHE B 200 28.55 5.58 18.25
C PHE B 200 28.51 5.92 16.76
N LEU B 201 27.44 6.59 16.30
CA LEU B 201 27.27 6.93 14.87
C LEU B 201 28.24 8.05 14.48
N ARG B 202 28.53 8.98 15.38
N ARG B 202 28.51 8.99 15.38
CA ARG B 202 29.54 10.03 15.13
CA ARG B 202 29.52 10.05 15.15
C ARG B 202 30.88 9.36 14.87
C ARG B 202 30.87 9.37 14.88
N ASN B 203 31.27 8.45 15.75
CA ASN B 203 32.55 7.71 15.61
C ASN B 203 32.57 6.98 14.26
N PHE B 204 31.47 6.31 13.89
CA PHE B 204 31.37 5.53 12.64
C PHE B 204 31.54 6.49 11.45
N ALA B 205 30.78 7.58 11.41
CA ALA B 205 30.75 8.54 10.28
C ALA B 205 32.15 9.14 10.08
N VAL B 206 32.77 9.57 11.17
CA VAL B 206 34.08 10.27 11.09
C VAL B 206 35.14 9.26 10.69
N THR B 207 35.14 8.06 11.26
CA THR B 207 36.27 7.10 11.09
C THR B 207 36.08 6.24 9.84
N LYS B 208 34.84 5.96 9.38
CA LYS B 208 34.60 5.01 8.26
C LYS B 208 34.06 5.72 7.01
N GLN B 209 33.54 6.95 7.14
CA GLN B 209 32.86 7.62 6.00
C GLN B 209 33.45 9.01 5.71
N ALA B 210 34.53 9.40 6.39
CA ALA B 210 35.23 10.67 6.16
C ALA B 210 34.26 11.84 6.27
N VAL B 211 33.30 11.75 7.17
CA VAL B 211 32.49 12.94 7.54
C VAL B 211 33.35 13.87 8.41
N GLU B 212 33.30 15.16 8.17
CA GLU B 212 34.03 16.16 8.97
C GLU B 212 33.17 16.58 10.15
N HIS B 213 33.70 16.40 11.38
CA HIS B 213 33.07 16.92 12.62
C HIS B 213 33.72 18.25 12.95
N VAL B 214 32.99 19.35 12.81
CA VAL B 214 33.41 20.67 13.31
C VAL B 214 32.80 20.86 14.69
N GLU B 215 33.62 20.84 15.75
CA GLU B 215 33.12 21.06 17.14
C GLU B 215 33.17 22.54 17.43
N ASP B 216 32.08 23.26 17.15
CA ASP B 216 32.05 24.73 17.29
C ASP B 216 30.60 25.17 17.36
N GLU B 217 30.37 26.41 17.78
CA GLU B 217 29.03 27.04 17.77
C GLU B 217 28.85 27.79 16.46
N MET B 218 27.63 27.73 15.92
N MET B 218 27.63 27.75 15.94
CA MET B 218 27.18 28.58 14.78
CA MET B 218 27.22 28.57 14.79
C MET B 218 26.93 29.98 15.30
C MET B 218 26.95 29.98 15.30
N THR B 219 27.43 31.01 14.59
CA THR B 219 27.19 32.43 14.99
C THR B 219 26.31 33.14 13.96
N GLU B 220 26.25 32.68 12.71
CA GLU B 220 25.44 33.37 11.67
C GLU B 220 25.11 32.40 10.54
N VAL B 221 23.93 32.55 9.98
CA VAL B 221 23.51 31.85 8.74
C VAL B 221 23.63 32.87 7.61
N LEU B 222 24.48 32.59 6.62
CA LEU B 222 24.64 33.50 5.48
C LEU B 222 23.67 33.03 4.40
N THR B 223 22.93 33.95 3.80
CA THR B 223 21.96 33.63 2.72
C THR B 223 22.23 34.55 1.51
N ASP B 224 21.83 34.12 0.33
CA ASP B 224 21.89 34.98 -0.88
C ASP B 224 20.56 35.72 -0.99
N GLU B 225 20.41 36.51 -2.06
CA GLU B 225 19.25 37.41 -2.28
C GLU B 225 18.00 36.56 -2.57
N ARG B 226 18.18 35.32 -3.05
CA ARG B 226 17.10 34.32 -3.33
C ARG B 226 16.64 33.61 -2.04
N GLY B 227 17.28 33.84 -0.90
CA GLY B 227 16.95 33.18 0.37
C GLY B 227 17.56 31.80 0.48
N PHE B 228 18.50 31.43 -0.38
CA PHE B 228 19.25 30.15 -0.22
C PHE B 228 20.36 30.35 0.81
N ILE B 229 20.58 29.35 1.65
CA ILE B 229 21.73 29.40 2.58
C ILE B 229 23.00 29.20 1.76
N THR B 230 24.04 30.01 2.04
CA THR B 230 25.34 29.87 1.35
C THR B 230 26.39 29.30 2.29
N ALA B 231 26.32 29.62 3.59
CA ALA B 231 27.33 29.17 4.57
C ALA B 231 26.87 29.39 5.99
N LEU B 232 27.46 28.65 6.92
CA LEU B 232 27.28 28.87 8.36
C LEU B 232 28.60 29.46 8.88
N ARG B 233 28.51 30.61 9.54
CA ARG B 233 29.69 31.18 10.25
C ARG B 233 29.79 30.49 11.60
N THR B 234 31.00 30.16 12.06
CA THR B 234 31.22 29.58 13.41
C THR B 234 31.91 30.60 14.32
N LYS B 235 31.87 30.34 15.63
CA LYS B 235 32.46 31.21 16.67
C LYS B 235 33.96 31.36 16.43
N SER B 236 34.64 30.29 15.99
CA SER B 236 36.09 30.25 15.66
C SER B 236 36.43 31.15 14.45
N GLY B 237 35.43 31.60 13.68
CA GLY B 237 35.57 32.42 12.46
C GLY B 237 35.61 31.61 11.18
N ARG B 238 35.67 30.27 11.29
CA ARG B 238 35.58 29.38 10.12
C ARG B 238 34.21 29.58 9.46
N ILE B 239 34.21 29.61 8.14
CA ILE B 239 32.97 29.76 7.34
C ILE B 239 32.74 28.44 6.58
N LEU B 240 31.67 27.75 6.94
CA LEU B 240 31.36 26.42 6.36
C LEU B 240 30.45 26.64 5.16
N GLN B 241 31.07 26.64 3.98
CA GLN B 241 30.29 26.79 2.72
CA GLN B 241 30.36 26.76 2.67
C GLN B 241 29.57 25.45 2.46
N GLY B 242 28.39 25.55 1.90
CA GLY B 242 27.62 24.34 1.52
C GLY B 242 26.63 24.63 0.40
N ASP B 243 26.14 23.56 -0.23
CA ASP B 243 25.12 23.69 -1.31
C ASP B 243 23.74 23.22 -0.80
N LEU B 244 23.72 22.30 0.15
CA LEU B 244 22.51 21.77 0.80
C LEU B 244 22.74 21.78 2.31
N PHE B 245 21.78 22.23 3.09
CA PHE B 245 21.87 22.37 4.56
C PHE B 245 20.78 21.53 5.19
N VAL B 246 21.17 20.70 6.15
CA VAL B 246 20.20 19.91 6.94
C VAL B 246 20.12 20.53 8.32
N ASP B 247 18.93 20.95 8.70
CA ASP B 247 18.65 21.50 10.04
C ASP B 247 18.40 20.34 11.01
N CYS B 248 19.40 19.98 11.81
CA CYS B 248 19.27 19.02 12.93
C CYS B 248 19.47 19.75 14.26
N SER B 249 19.08 21.02 14.33
CA SER B 249 19.36 21.90 15.50
C SER B 249 18.36 21.73 16.63
N GLY B 250 17.33 20.87 16.46
CA GLY B 250 16.31 20.68 17.50
C GLY B 250 15.19 21.70 17.44
N PHE B 251 14.48 21.88 18.55
CA PHE B 251 13.23 22.66 18.63
C PHE B 251 13.46 24.09 18.17
N ARG B 252 14.67 24.64 18.33
CA ARG B 252 14.92 26.04 17.91
C ARG B 252 14.90 26.20 16.40
N GLY B 253 15.05 25.14 15.60
CA GLY B 253 14.96 25.27 14.14
C GLY B 253 15.79 26.45 13.62
N LEU B 254 17.07 26.47 13.97
CA LEU B 254 17.95 27.66 13.72
C LEU B 254 18.03 27.95 12.22
N LEU B 255 17.89 26.93 11.35
CA LEU B 255 17.91 27.18 9.89
C LEU B 255 16.47 27.31 9.36
N ILE B 256 15.65 26.28 9.54
CA ILE B 256 14.33 26.26 8.85
C ILE B 256 13.39 27.34 9.39
N ASN B 257 13.37 27.59 10.69
CA ASN B 257 12.41 28.54 11.31
C ASN B 257 13.07 29.91 11.42
N LYS B 258 14.28 30.00 11.96
CA LYS B 258 14.92 31.31 12.27
C LYS B 258 15.44 31.94 11.00
N ALA B 259 16.31 31.28 10.24
CA ALA B 259 16.92 31.85 9.02
C ALA B 259 15.90 31.86 7.86
N MET B 260 15.23 30.73 7.59
CA MET B 260 14.33 30.64 6.41
C MET B 260 12.93 31.21 6.73
N GLU B 261 12.62 31.46 8.02
CA GLU B 261 11.34 32.01 8.50
C GLU B 261 10.16 31.11 8.06
N GLU B 262 10.39 29.81 7.94
CA GLU B 262 9.26 28.88 7.67
C GLU B 262 8.41 28.76 8.94
N PRO B 263 7.09 29.02 8.85
CA PRO B 263 6.24 28.98 10.03
C PRO B 263 6.07 27.54 10.54
N PHE B 264 5.97 27.44 11.86
CA PHE B 264 5.70 26.16 12.55
C PHE B 264 4.19 26.06 12.80
N ILE B 265 3.60 24.89 12.50
CA ILE B 265 2.16 24.69 12.79
C ILE B 265 2.02 24.06 14.16
N ASP B 266 1.58 24.85 15.15
CA ASP B 266 1.35 24.35 16.52
C ASP B 266 0.11 23.46 16.47
N MET B 267 0.22 22.24 16.97
CA MET B 267 -0.91 21.28 16.87
C MET B 267 -1.39 20.91 18.28
N SER B 268 -1.35 21.86 19.21
CA SER B 268 -1.86 21.67 20.59
C SER B 268 -3.38 21.64 20.58
N ASP B 269 -4.03 21.88 19.44
CA ASP B 269 -5.49 21.64 19.27
C ASP B 269 -5.76 20.13 19.06
N HIS B 270 -4.72 19.30 18.97
CA HIS B 270 -4.83 17.83 18.84
C HIS B 270 -4.17 17.10 20.00
N LEU B 271 -3.06 17.63 20.53
CA LEU B 271 -2.35 17.00 21.66
C LEU B 271 -1.98 18.09 22.67
N LEU B 272 -2.40 17.93 23.92
CA LEU B 272 -2.27 19.01 24.95
C LEU B 272 -0.90 18.96 25.62
N CYS B 273 -0.25 17.81 25.70
CA CYS B 273 1.02 17.69 26.45
C CYS B 273 2.10 18.49 25.74
N ASN B 274 2.90 19.24 26.51
CA ASN B 274 3.89 20.20 25.96
C ASN B 274 5.14 20.27 26.83
N SER B 275 5.34 19.35 27.76
CA SER B 275 6.39 19.43 28.79
C SER B 275 6.76 18.03 29.21
N ALA B 276 7.96 17.85 29.74
CA ALA B 276 8.37 16.60 30.39
C ALA B 276 9.27 16.93 31.58
N VAL B 277 9.23 16.05 32.56
CA VAL B 277 10.26 15.98 33.63
C VAL B 277 10.74 14.56 33.62
N ALA B 278 12.03 14.34 33.58
CA ALA B 278 12.58 13.00 33.34
C ALA B 278 13.87 12.78 34.13
N THR B 279 14.21 11.53 34.38
CA THR B 279 15.48 11.14 35.03
C THR B 279 15.75 9.68 34.70
N ALA B 280 16.85 9.14 35.21
CA ALA B 280 17.18 7.71 35.07
C ALA B 280 17.21 7.12 36.49
N VAL B 281 16.60 5.96 36.66
CA VAL B 281 16.39 5.33 37.99
C VAL B 281 17.23 4.05 38.03
N PRO B 282 18.24 3.94 38.91
CA PRO B 282 18.96 2.67 39.05
C PRO B 282 17.96 1.59 39.46
N HIS B 283 18.15 0.37 38.98
CA HIS B 283 17.12 -0.68 39.03
C HIS B 283 17.76 -2.00 39.48
N ASP B 284 17.08 -2.71 40.37
CA ASP B 284 17.50 -4.02 40.89
C ASP B 284 17.00 -5.10 39.92
N ASP B 285 17.80 -5.37 38.89
CA ASP B 285 17.46 -6.32 37.80
C ASP B 285 17.38 -7.74 38.39
N GLU B 286 18.29 -8.03 39.32
CA GLU B 286 18.42 -9.31 40.08
C GLU B 286 17.05 -9.63 40.70
N LYS B 287 16.56 -8.71 41.53
CA LYS B 287 15.31 -8.85 42.33
C LYS B 287 14.08 -8.81 41.41
N ASN B 288 14.05 -7.94 40.39
CA ASN B 288 12.81 -7.55 39.68
C ASN B 288 12.72 -8.15 38.28
N GLY B 289 13.80 -8.75 37.75
CA GLY B 289 13.97 -9.06 36.32
C GLY B 289 13.97 -7.78 35.48
N VAL B 290 14.03 -7.91 34.14
CA VAL B 290 13.88 -6.74 33.21
C VAL B 290 12.65 -6.95 32.32
N GLU B 291 11.74 -5.99 32.32
CA GLU B 291 10.52 -6.03 31.47
C GLU B 291 10.92 -5.81 30.01
N PRO B 292 10.58 -6.72 29.07
CA PRO B 292 10.88 -6.55 27.65
C PRO B 292 9.84 -5.67 26.95
N TYR B 293 9.58 -4.50 27.51
CA TYR B 293 8.58 -3.55 26.98
C TYR B 293 8.77 -2.17 27.62
N THR B 294 8.28 -1.16 26.91
CA THR B 294 8.11 0.22 27.39
C THR B 294 6.79 0.30 28.12
N SER B 295 6.73 0.97 29.28
CA SER B 295 5.45 1.24 29.97
C SER B 295 5.04 2.67 29.74
N SER B 296 3.73 2.87 29.58
CA SER B 296 3.07 4.18 29.50
C SER B 296 2.09 4.26 30.65
N ILE B 297 2.49 4.96 31.71
CA ILE B 297 1.75 5.02 33.01
C ILE B 297 0.92 6.29 33.03
N ALA B 298 -0.40 6.14 32.97
CA ALA B 298 -1.30 7.32 32.94
C ALA B 298 -1.15 8.11 34.26
N MET B 299 -1.15 9.43 34.14
CA MET B 299 -0.99 10.39 35.25
C MET B 299 -2.23 11.29 35.24
N GLU B 300 -2.31 12.24 36.17
CA GLU B 300 -3.48 13.12 36.28
C GLU B 300 -3.44 14.16 35.16
N ALA B 301 -2.26 14.58 34.72
CA ALA B 301 -2.11 15.64 33.70
C ALA B 301 -1.20 15.17 32.56
N GLY B 302 -1.15 13.87 32.30
CA GLY B 302 -0.40 13.29 31.17
C GLY B 302 -0.10 11.84 31.41
N TRP B 303 1.13 11.45 31.17
CA TRP B 303 1.57 10.05 31.33
C TRP B 303 3.09 10.02 31.56
N THR B 304 3.57 8.88 32.03
CA THR B 304 4.99 8.67 32.34
C THR B 304 5.49 7.46 31.59
N TRP B 305 6.61 7.62 30.90
CA TRP B 305 7.31 6.49 30.26
C TRP B 305 8.17 5.75 31.27
N LYS B 306 8.32 4.45 31.06
CA LYS B 306 9.35 3.63 31.72
C LYS B 306 10.05 2.86 30.62
N ILE B 307 11.36 3.05 30.49
CA ILE B 307 12.17 2.44 29.41
C ILE B 307 13.31 1.70 30.08
N PRO B 308 13.14 0.39 30.34
CA PRO B 308 14.17 -0.43 30.95
C PRO B 308 15.40 -0.60 30.05
N MET B 309 16.57 -0.49 30.69
CA MET B 309 17.89 -0.90 30.14
C MET B 309 18.62 -1.66 31.26
N LEU B 310 19.78 -2.27 30.98
CA LEU B 310 20.52 -3.05 32.02
C LEU B 310 20.92 -2.10 33.16
N GLY B 311 20.52 -2.42 34.38
CA GLY B 311 20.95 -1.71 35.61
C GLY B 311 20.15 -0.45 35.90
N ARG B 312 19.29 0.02 34.98
CA ARG B 312 18.53 1.26 35.23
C ARG B 312 17.35 1.36 34.25
N PHE B 313 16.38 2.22 34.53
CA PHE B 313 15.30 2.53 33.56
C PHE B 313 15.22 4.04 33.39
N GLY B 314 15.04 4.49 32.16
CA GLY B 314 14.73 5.89 31.90
C GLY B 314 13.27 6.13 32.22
N SER B 315 12.91 7.30 32.72
CA SER B 315 11.49 7.59 32.96
C SER B 315 11.25 9.09 32.78
N GLY B 316 10.11 9.44 32.21
CA GLY B 316 9.74 10.85 32.03
C GLY B 316 8.24 11.02 32.14
N HIS B 317 7.80 12.00 32.91
CA HIS B 317 6.37 12.38 33.00
C HIS B 317 6.13 13.45 31.93
N VAL B 318 5.41 13.08 30.87
CA VAL B 318 4.92 14.00 29.81
C VAL B 318 3.64 14.66 30.35
N TYR B 319 3.54 15.98 30.31
CA TYR B 319 2.38 16.67 30.90
C TYR B 319 2.05 17.93 30.13
N SER B 320 0.82 18.41 30.34
CA SER B 320 0.37 19.74 29.86
C SER B 320 0.63 20.73 30.98
N ASP B 321 1.40 21.79 30.72
CA ASP B 321 1.70 22.78 31.76
C ASP B 321 0.52 23.74 31.90
N HIS B 322 -0.56 23.54 31.13
CA HIS B 322 -1.87 24.19 31.35
C HIS B 322 -2.63 23.48 32.49
N PHE B 323 -2.29 22.24 32.83
CA PHE B 323 -3.07 21.42 33.81
C PHE B 323 -2.23 21.03 35.02
N ALA B 324 -0.91 21.13 34.91
CA ALA B 324 0.02 20.87 36.03
C ALA B 324 1.22 21.83 35.92
N THR B 325 1.58 22.45 37.02
CA THR B 325 2.81 23.29 37.10
C THR B 325 4.00 22.33 37.08
N GLN B 326 5.18 22.84 36.75
CA GLN B 326 6.42 22.02 36.77
C GLN B 326 6.55 21.36 38.14
N ASP B 327 6.29 22.11 39.23
CA ASP B 327 6.43 21.60 40.61
C ASP B 327 5.46 20.42 40.82
N GLU B 328 4.19 20.62 40.46
CA GLU B 328 3.12 19.59 40.59
C GLU B 328 3.55 18.33 39.82
N ALA B 329 4.03 18.48 38.58
CA ALA B 329 4.41 17.35 37.70
C ALA B 329 5.60 16.60 38.32
N THR B 330 6.58 17.36 38.81
CA THR B 330 7.83 16.80 39.38
C THR B 330 7.49 16.03 40.65
N LEU B 331 6.58 16.57 41.47
CA LEU B 331 6.09 15.91 42.72
C LEU B 331 5.43 14.58 42.34
N ALA B 332 4.52 14.61 41.36
CA ALA B 332 3.74 13.41 40.96
C ALA B 332 4.68 12.36 40.38
N PHE B 333 5.64 12.80 39.55
CA PHE B 333 6.63 11.92 38.90
C PHE B 333 7.48 11.25 39.99
N SER B 334 7.95 12.04 40.95
CA SER B 334 8.84 11.58 42.05
C SER B 334 8.10 10.56 42.92
N LYS B 335 6.84 10.85 43.26
CA LYS B 335 5.98 9.99 44.11
C LYS B 335 5.82 8.63 43.41
N LEU B 336 5.66 8.64 42.09
CA LEU B 336 5.56 7.40 41.29
C LEU B 336 6.67 6.40 41.64
N TRP B 337 7.94 6.82 41.68
CA TRP B 337 9.11 5.91 41.87
C TRP B 337 9.71 6.05 43.28
N GLY B 338 9.08 6.84 44.16
CA GLY B 338 9.59 7.08 45.52
C GLY B 338 10.93 7.80 45.49
N LEU B 339 11.11 8.73 44.55
CA LEU B 339 12.31 9.58 44.46
C LEU B 339 12.12 10.75 45.43
N ASP B 340 13.23 11.21 46.02
CA ASP B 340 13.28 12.47 46.81
C ASP B 340 13.31 13.65 45.85
N PRO B 341 12.21 14.44 45.69
CA PRO B 341 12.19 15.56 44.75
C PRO B 341 13.25 16.65 44.97
N ASP B 342 13.92 16.66 46.13
CA ASP B 342 14.95 17.68 46.50
C ASP B 342 16.37 17.12 46.30
N ASN B 343 16.52 15.82 46.01
CA ASN B 343 17.81 15.08 46.01
C ASN B 343 17.91 14.22 44.74
N THR B 344 17.21 14.61 43.66
CA THR B 344 17.19 13.87 42.38
C THR B 344 17.58 14.81 41.23
N GLU B 345 18.41 14.32 40.30
CA GLU B 345 18.75 15.09 39.07
C GLU B 345 17.66 14.87 38.00
N PHE B 346 16.94 15.95 37.68
CA PHE B 346 15.84 15.97 36.68
C PHE B 346 16.26 16.74 35.41
N ASN B 347 15.79 16.26 34.25
N ASN B 347 15.73 16.28 34.27
CA ASN B 347 15.76 17.07 33.00
CA ASN B 347 15.75 16.98 32.95
C ASN B 347 14.34 17.59 32.81
C ASN B 347 14.35 17.58 32.72
N HIS B 348 14.24 18.91 32.64
CA HIS B 348 12.96 19.63 32.38
C HIS B 348 12.98 20.09 30.93
N VAL B 349 11.98 19.72 30.15
CA VAL B 349 11.93 20.05 28.70
C VAL B 349 10.59 20.70 28.41
N ARG B 350 10.60 21.75 27.61
CA ARG B 350 9.38 22.34 27.02
C ARG B 350 9.37 21.87 25.56
N PHE B 351 8.30 21.19 25.16
CA PHE B 351 8.18 20.62 23.78
C PHE B 351 7.57 21.65 22.86
N ARG B 352 7.90 21.53 21.59
CA ARG B 352 7.15 22.13 20.48
C ARG B 352 6.36 21.01 19.80
N VAL B 353 5.03 21.05 19.77
CA VAL B 353 4.17 19.96 19.22
C VAL B 353 3.55 20.39 17.90
N GLY B 354 3.85 19.64 16.83
CA GLY B 354 3.43 20.01 15.48
C GLY B 354 4.54 19.82 14.46
N ARG B 355 4.43 20.53 13.36
CA ARG B 355 5.40 20.40 12.26
C ARG B 355 5.51 21.74 11.55
N ASN B 356 6.60 21.90 10.83
CA ASN B 356 6.71 23.06 9.92
C ASN B 356 5.61 22.99 8.87
N ARG B 357 5.20 24.13 8.34
CA ARG B 357 4.31 24.19 7.16
C ARG B 357 4.92 23.34 6.04
N ARG B 358 6.22 23.49 5.81
CA ARG B 358 7.04 22.69 4.87
C ARG B 358 8.32 22.24 5.58
N ALA B 359 8.72 20.98 5.41
CA ALA B 359 9.94 20.44 6.02
C ALA B 359 11.18 20.92 5.28
N TRP B 360 11.07 21.10 3.96
CA TRP B 360 12.21 21.42 3.08
C TRP B 360 11.87 22.71 2.35
N VAL B 361 12.66 23.76 2.59
CA VAL B 361 12.46 25.08 1.93
C VAL B 361 13.76 25.49 1.26
N ARG B 362 13.68 25.81 -0.03
CA ARG B 362 14.86 26.17 -0.85
C ARG B 362 15.93 25.09 -0.67
N ASN B 363 17.10 25.38 -0.09
CA ASN B 363 18.20 24.40 0.09
C ASN B 363 18.36 24.04 1.56
N CYS B 364 17.29 24.11 2.35
CA CYS B 364 17.28 23.77 3.79
C CYS B 364 16.26 22.64 4.04
N VAL B 365 16.77 21.48 4.44
CA VAL B 365 15.92 20.30 4.79
C VAL B 365 15.93 20.11 6.30
N SER B 366 14.79 20.14 6.97
CA SER B 366 14.72 19.92 8.43
C SER B 366 14.54 18.42 8.74
N VAL B 367 15.22 17.91 9.75
CA VAL B 367 15.19 16.47 10.16
C VAL B 367 15.10 16.45 11.68
N GLY B 368 14.30 15.57 12.28
CA GLY B 368 14.19 15.49 13.74
C GLY B 368 13.35 16.62 14.31
N LEU B 369 13.69 17.08 15.53
CA LEU B 369 12.83 18.06 16.26
C LEU B 369 12.75 19.38 15.50
N ALA B 370 13.75 19.72 14.68
CA ALA B 370 13.71 20.96 13.86
C ALA B 370 12.58 20.86 12.83
N SER B 371 12.19 19.64 12.45
CA SER B 371 11.12 19.37 11.44
C SER B 371 9.75 19.25 12.09
N CYS B 372 9.65 18.38 13.07
CA CYS B 372 8.34 18.06 13.68
C CYS B 372 8.54 17.29 14.95
N PHE B 373 7.50 17.25 15.76
CA PHE B 373 7.55 16.52 17.05
C PHE B 373 6.16 16.21 17.56
N VAL B 374 6.05 14.98 18.07
CA VAL B 374 5.01 14.54 19.01
C VAL B 374 5.70 13.88 20.20
N GLU B 375 5.02 13.94 21.33
CA GLU B 375 5.38 13.16 22.53
C GLU B 375 5.65 11.72 22.14
N PRO B 376 6.55 11.06 22.88
CA PRO B 376 7.00 9.70 22.56
C PRO B 376 6.01 8.57 22.93
N LEU B 377 4.72 8.82 22.75
CA LEU B 377 3.64 7.88 23.21
C LEU B 377 3.63 6.58 22.39
N GLU B 378 4.19 6.55 21.17
CA GLU B 378 4.25 5.35 20.30
C GLU B 378 5.66 5.21 19.74
N SER B 379 6.64 5.83 20.38
CA SER B 379 8.06 5.54 20.11
C SER B 379 8.43 5.80 18.63
N THR B 380 7.98 6.95 18.09
CA THR B 380 8.11 7.29 16.64
C THR B 380 9.25 8.26 16.32
N GLY B 381 9.94 8.83 17.32
CA GLY B 381 10.88 9.95 17.07
C GLY B 381 12.05 9.55 16.19
N ILE B 382 12.71 8.45 16.50
CA ILE B 382 13.84 7.99 15.67
C ILE B 382 13.33 7.53 14.28
N TYR B 383 12.16 6.90 14.22
CA TYR B 383 11.52 6.52 12.94
C TYR B 383 11.37 7.77 12.05
N PHE B 384 10.89 8.88 12.61
CA PHE B 384 10.67 10.12 11.84
C PHE B 384 12.00 10.60 11.27
N ILE B 385 13.09 10.40 12.00
CA ILE B 385 14.44 10.79 11.49
C ILE B 385 14.81 9.89 10.29
N TYR B 386 14.81 8.58 10.44
CA TYR B 386 15.31 7.74 9.31
C TYR B 386 14.33 7.73 8.15
N ALA B 387 13.02 7.89 8.37
CA ALA B 387 12.05 8.03 7.26
C ALA B 387 12.40 9.31 6.48
N ALA B 388 12.65 10.42 7.18
CA ALA B 388 13.01 11.69 6.51
C ALA B 388 14.31 11.53 5.72
N ILE B 389 15.30 10.87 6.30
N ILE B 389 15.32 10.86 6.27
CA ILE B 389 16.62 10.72 5.64
CA ILE B 389 16.63 10.79 5.56
C ILE B 389 16.44 9.84 4.41
C ILE B 389 16.52 9.78 4.41
N HIS B 390 15.67 8.74 4.54
CA HIS B 390 15.36 7.86 3.39
C HIS B 390 14.72 8.71 2.27
N MET B 391 13.74 9.53 2.62
CA MET B 391 13.00 10.34 1.62
C MET B 391 13.92 11.40 1.03
N LEU B 392 14.88 11.92 1.79
CA LEU B 392 15.81 12.94 1.24
C LEU B 392 16.73 12.26 0.24
N ALA B 393 17.27 11.07 0.53
CA ALA B 393 18.14 10.34 -0.40
C ALA B 393 17.36 9.96 -1.68
N LYS B 394 16.08 9.65 -1.55
CA LYS B 394 15.24 9.33 -2.72
C LYS B 394 15.03 10.61 -3.56
N HIS B 395 14.75 11.71 -2.89
CA HIS B 395 14.44 13.02 -3.56
C HIS B 395 15.72 13.87 -3.64
N PHE B 396 16.90 13.27 -3.61
CA PHE B 396 18.14 14.08 -3.46
C PHE B 396 18.24 15.02 -4.64
N PRO B 397 18.49 16.32 -4.39
CA PRO B 397 18.47 17.32 -5.46
C PRO B 397 19.83 17.46 -6.16
N ASP B 398 19.80 18.23 -7.23
CA ASP B 398 21.01 18.93 -7.72
C ASP B 398 20.80 20.43 -7.46
N LYS B 399 21.73 21.27 -7.92
CA LYS B 399 21.71 22.70 -7.55
C LYS B 399 20.52 23.44 -8.15
N THR B 400 19.74 22.83 -9.05
CA THR B 400 18.47 23.44 -9.54
C THR B 400 17.35 23.34 -8.50
N PHE B 401 17.45 22.47 -7.49
CA PHE B 401 16.37 22.33 -6.47
C PHE B 401 15.00 22.29 -7.13
N ASP B 402 14.81 21.31 -8.03
CA ASP B 402 13.55 21.06 -8.75
C ASP B 402 12.43 21.12 -7.72
N LYS B 403 11.50 22.07 -7.91
CA LYS B 403 10.39 22.30 -6.95
C LYS B 403 9.52 21.04 -6.83
N VAL B 404 9.47 20.20 -7.87
CA VAL B 404 8.69 18.92 -7.78
C VAL B 404 9.35 17.96 -6.76
N LEU B 405 10.67 17.84 -6.76
CA LEU B 405 11.38 16.98 -5.77
C LEU B 405 11.08 17.47 -4.36
N VAL B 406 11.20 18.78 -4.15
CA VAL B 406 10.97 19.39 -2.81
C VAL B 406 9.53 19.15 -2.37
N ASP B 407 8.57 19.42 -3.28
CA ASP B 407 7.12 19.28 -2.99
C ASP B 407 6.83 17.82 -2.60
N ARG B 408 7.35 16.86 -3.36
CA ARG B 408 7.02 15.43 -3.10
C ARG B 408 7.60 15.04 -1.74
N PHE B 409 8.83 15.45 -1.42
CA PHE B 409 9.41 15.20 -0.07
C PHE B 409 8.48 15.79 0.98
N ASN B 410 8.09 17.05 0.83
CA ASN B 410 7.28 17.75 1.86
C ASN B 410 5.95 17.01 2.05
N ARG B 411 5.32 16.55 0.96
CA ARG B 411 4.04 15.80 1.03
C ARG B 411 4.24 14.53 1.86
N GLU B 412 5.34 13.83 1.67
CA GLU B 412 5.58 12.57 2.41
C GLU B 412 5.73 12.88 3.92
N ILE B 413 6.50 13.90 4.27
CA ILE B 413 6.69 14.27 5.70
C ILE B 413 5.37 14.68 6.33
N GLU B 414 4.57 15.51 5.67
CA GLU B 414 3.33 16.01 6.29
C GLU B 414 2.35 14.83 6.50
N GLU B 415 2.25 13.91 5.53
CA GLU B 415 1.32 12.75 5.66
C GLU B 415 1.82 11.81 6.76
N MET B 416 3.10 11.52 6.82
CA MET B 416 3.73 10.69 7.87
C MET B 416 3.40 11.29 9.24
N PHE B 417 3.66 12.58 9.39
CA PHE B 417 3.47 13.26 10.68
C PHE B 417 2.00 13.25 11.10
N ASP B 418 1.14 13.74 10.20
CA ASP B 418 -0.28 13.99 10.56
C ASP B 418 -0.94 12.63 10.90
N ASP B 419 -0.56 11.56 10.20
CA ASP B 419 -1.13 10.20 10.44
C ASP B 419 -0.80 9.77 11.86
N THR B 420 0.44 9.97 12.31
CA THR B 420 0.87 9.56 13.67
C THR B 420 0.27 10.53 14.71
N ARG B 421 0.23 11.82 14.43
CA ARG B 421 -0.48 12.79 15.30
C ARG B 421 -1.90 12.31 15.57
N ASP B 422 -2.64 11.95 14.52
CA ASP B 422 -4.04 11.48 14.65
C ASP B 422 -4.07 10.23 15.54
N PHE B 423 -3.17 9.28 15.29
CA PHE B 423 -3.12 8.00 16.03
C PHE B 423 -2.88 8.28 17.52
N LEU B 424 -1.95 9.21 17.85
CA LEU B 424 -1.71 9.58 19.27
C LEU B 424 -2.94 10.28 19.85
N GLN B 425 -3.57 11.22 19.13
CA GLN B 425 -4.76 11.91 19.68
C GLN B 425 -5.82 10.86 20.08
N ALA B 426 -5.96 9.77 19.30
CA ALA B 426 -6.97 8.72 19.60
C ALA B 426 -6.70 8.07 20.96
N HIS B 427 -5.45 7.96 21.40
CA HIS B 427 -5.11 7.37 22.72
C HIS B 427 -5.81 8.17 23.85
N TYR B 428 -5.88 9.49 23.71
CA TYR B 428 -6.49 10.40 24.72
C TYR B 428 -8.01 10.52 24.48
N TYR B 429 -8.41 10.78 23.24
CA TYR B 429 -9.83 11.04 22.90
C TYR B 429 -10.70 9.86 23.35
N PHE B 430 -10.20 8.62 23.24
CA PHE B 430 -11.00 7.40 23.51
C PHE B 430 -10.71 6.83 24.91
N SER B 431 -9.82 7.43 25.69
CA SER B 431 -9.74 7.12 27.13
C SER B 431 -11.09 7.44 27.78
N PRO B 432 -11.65 6.53 28.59
CA PRO B 432 -12.89 6.82 29.31
C PRO B 432 -12.69 7.76 30.50
N ARG B 433 -11.45 8.13 30.83
CA ARG B 433 -11.17 8.95 32.03
C ARG B 433 -11.81 10.33 31.91
N VAL B 434 -12.49 10.77 32.98
CA VAL B 434 -13.06 12.14 33.10
C VAL B 434 -12.74 12.69 34.50
N ASP B 435 -11.72 12.15 35.17
CA ASP B 435 -11.50 12.39 36.63
C ASP B 435 -10.72 13.68 36.88
N THR B 436 -10.04 14.26 35.89
CA THR B 436 -9.24 15.50 36.08
C THR B 436 -9.55 16.44 34.93
N PRO B 437 -9.30 17.75 35.09
CA PRO B 437 -9.50 18.71 33.99
C PRO B 437 -8.75 18.31 32.71
N PHE B 438 -7.56 17.73 32.85
CA PHE B 438 -6.73 17.29 31.69
C PHE B 438 -7.47 16.20 30.88
N TRP B 439 -7.93 15.14 31.53
CA TRP B 439 -8.63 14.04 30.82
C TRP B 439 -9.95 14.57 30.22
N ARG B 440 -10.67 15.46 30.90
CA ARG B 440 -11.90 16.04 30.30
C ARG B 440 -11.57 16.92 29.09
N ALA B 441 -10.54 17.76 29.19
CA ALA B 441 -10.10 18.72 28.17
C ALA B 441 -9.79 17.98 26.86
N ASN B 442 -9.18 16.80 26.92
CA ASN B 442 -8.89 16.01 25.69
C ASN B 442 -10.19 15.77 24.90
N LYS B 443 -11.33 15.62 25.56
CA LYS B 443 -12.56 15.23 24.85
C LYS B 443 -13.27 16.45 24.26
N GLU B 444 -12.77 17.66 24.52
CA GLU B 444 -13.33 18.90 23.91
C GLU B 444 -12.57 19.18 22.59
N LEU B 445 -11.42 18.53 22.36
CA LEU B 445 -10.67 18.70 21.09
C LEU B 445 -11.39 17.99 19.95
N LYS B 446 -11.12 18.42 18.72
CA LYS B 446 -11.66 17.81 17.48
C LYS B 446 -10.69 16.76 16.92
N LEU B 447 -11.22 15.61 16.48
CA LEU B 447 -10.46 14.66 15.64
C LEU B 447 -10.41 15.20 14.22
N ALA B 448 -9.27 15.07 13.55
CA ALA B 448 -9.12 15.34 12.10
C ALA B 448 -10.00 14.37 11.32
N ASP B 449 -10.47 14.77 10.15
CA ASP B 449 -11.37 13.92 9.32
C ASP B 449 -10.77 12.52 9.06
N SER B 450 -9.47 12.42 8.83
CA SER B 450 -8.85 11.13 8.46
C SER B 450 -9.06 10.12 9.60
N ILE B 451 -8.81 10.49 10.86
CA ILE B 451 -8.96 9.54 11.98
C ILE B 451 -10.45 9.34 12.27
N LYS B 452 -11.30 10.35 12.09
CA LYS B 452 -12.77 10.14 12.25
C LYS B 452 -13.25 9.05 11.28
N ASP B 453 -12.75 9.09 10.05
CA ASP B 453 -13.12 8.10 9.00
C ASP B 453 -12.70 6.71 9.47
N LYS B 454 -11.47 6.57 9.97
CA LYS B 454 -10.94 5.25 10.42
C LYS B 454 -11.75 4.74 11.62
N VAL B 455 -12.09 5.64 12.55
CA VAL B 455 -12.93 5.20 13.70
C VAL B 455 -14.27 4.68 13.16
N GLU B 456 -14.90 5.38 12.23
CA GLU B 456 -16.21 4.95 11.69
CA GLU B 456 -16.18 4.99 11.59
C GLU B 456 -16.06 3.59 10.97
N THR B 457 -14.97 3.36 10.26
CA THR B 457 -14.66 2.06 9.63
C THR B 457 -14.58 0.98 10.72
N TYR B 458 -13.79 1.24 11.76
CA TYR B 458 -13.63 0.33 12.92
C TYR B 458 -14.97 0.03 13.56
N ARG B 459 -15.79 1.07 13.72
CA ARG B 459 -17.07 0.94 14.47
C ARG B 459 -18.06 0.10 13.66
N ALA B 460 -17.87 -0.03 12.36
CA ALA B 460 -18.75 -0.89 11.53
C ALA B 460 -18.27 -2.34 11.56
N GLY B 461 -17.16 -2.65 12.24
CA GLY B 461 -16.58 -4.00 12.30
C GLY B 461 -15.58 -4.31 11.18
N LEU B 462 -15.32 -3.35 10.31
CA LEU B 462 -14.38 -3.55 9.18
C LEU B 462 -12.96 -3.42 9.70
N PRO B 463 -12.00 -4.07 9.02
CA PRO B 463 -10.61 -3.81 9.30
C PRO B 463 -10.24 -2.35 9.00
N VAL B 464 -9.22 -1.86 9.67
CA VAL B 464 -8.70 -0.50 9.36
C VAL B 464 -7.31 -0.71 8.75
N ASN B 465 -7.08 -0.38 7.49
CA ASN B 465 -5.71 -0.49 6.89
C ASN B 465 -5.14 -1.90 7.05
N LEU B 466 -5.68 -2.90 6.37
CA LEU B 466 -5.10 -4.28 6.42
C LEU B 466 -3.63 -4.25 6.06
N PRO B 467 -2.77 -5.08 6.71
CA PRO B 467 -1.34 -5.03 6.44
C PRO B 467 -0.96 -5.56 5.05
N GLY B 472 8.06 -10.23 7.47
CA GLY B 472 9.44 -10.22 6.94
C GLY B 472 9.64 -9.09 5.94
N THR B 473 8.84 -9.10 4.87
CA THR B 473 8.76 -8.05 3.82
C THR B 473 8.49 -6.67 4.44
N TYR B 474 7.65 -6.60 5.48
CA TYR B 474 7.07 -5.37 6.08
C TYR B 474 8.15 -4.55 6.82
N TYR B 475 8.90 -5.18 7.74
CA TYR B 475 10.00 -4.54 8.51
C TYR B 475 11.31 -4.69 7.73
N ASN B 477 11.40 -3.93 3.61
CA ASN B 477 11.12 -3.04 2.45
C ASN B 477 10.53 -1.71 2.97
N PHE B 478 11.22 -0.60 2.70
CA PHE B 478 10.92 0.68 3.40
C PHE B 478 9.53 1.18 2.99
N GLU B 479 9.28 1.21 1.67
CA GLU B 479 8.00 1.62 1.06
C GLU B 479 6.84 0.81 1.65
N ALA B 480 6.98 -0.50 1.89
CA ALA B 480 5.89 -1.36 2.43
C ALA B 480 5.43 -0.82 3.80
N GLU B 481 6.36 -0.51 4.69
CA GLU B 481 5.97 -0.07 6.05
C GLU B 481 5.61 1.40 5.98
N PHE B 482 6.32 2.20 5.19
CA PHE B 482 6.05 3.66 5.16
C PHE B 482 4.63 3.91 4.67
N ARG B 483 4.16 3.09 3.71
CA ARG B 483 2.83 3.30 3.08
C ARG B 483 1.71 2.68 3.91
N ASN B 484 2.04 1.78 4.84
N ASN B 484 2.07 1.80 4.85
CA ASN B 484 1.02 1.07 5.66
CA ASN B 484 1.14 0.94 5.64
C ASN B 484 1.59 0.98 7.08
C ASN B 484 1.60 0.96 7.10
N PHE B 485 1.79 2.14 7.70
CA PHE B 485 2.56 2.24 8.95
C PHE B 485 1.72 1.79 10.13
N TRP B 486 0.58 2.44 10.31
CA TRP B 486 -0.38 2.03 11.36
C TRP B 486 -1.44 1.16 10.68
N THR B 487 -1.46 -0.13 11.00
CA THR B 487 -2.35 -1.10 10.34
C THR B 487 -3.39 -1.63 11.32
N ASN B 488 -4.23 -2.53 10.82
CA ASN B 488 -5.41 -3.00 11.57
C ASN B 488 -5.04 -3.44 12.99
N SER B 489 -3.95 -4.19 13.15
N SER B 489 -3.97 -4.22 13.13
CA SER B 489 -3.54 -4.71 14.48
CA SER B 489 -3.45 -4.71 14.43
C SER B 489 -3.25 -3.52 15.41
C SER B 489 -3.28 -3.51 15.38
N ASN B 490 -2.60 -2.47 14.92
CA ASN B 490 -2.25 -1.29 15.75
C ASN B 490 -3.52 -0.59 16.23
N TYR B 491 -4.48 -0.36 15.33
CA TYR B 491 -5.76 0.28 15.69
C TYR B 491 -6.50 -0.60 16.71
N TYR B 492 -6.55 -1.91 16.52
CA TYR B 492 -7.24 -2.81 17.49
C TYR B 492 -6.55 -2.70 18.86
N CYS B 493 -5.21 -2.70 18.91
CA CYS B 493 -4.46 -2.69 20.19
C CYS B 493 -4.90 -1.49 21.00
N ILE B 494 -4.96 -0.32 20.37
CA ILE B 494 -5.28 0.92 21.10
C ILE B 494 -6.79 1.05 21.34
N PHE B 495 -7.60 0.93 20.29
CA PHE B 495 -9.05 1.15 20.44
C PHE B 495 -9.60 0.11 21.42
N ALA B 496 -9.37 -1.17 21.18
CA ALA B 496 -9.93 -2.21 22.07
C ALA B 496 -9.26 -2.11 23.45
N GLY B 497 -7.97 -1.80 23.52
CA GLY B 497 -7.29 -1.60 24.80
C GLY B 497 -8.00 -0.59 25.67
N LEU B 498 -8.47 0.52 25.08
CA LEU B 498 -9.11 1.65 25.80
C LEU B 498 -10.59 1.36 26.03
N GLY B 499 -11.14 0.34 25.38
CA GLY B 499 -12.53 -0.12 25.54
C GLY B 499 -13.43 0.34 24.40
N LEU B 500 -12.88 0.94 23.35
CA LEU B 500 -13.67 1.30 22.14
C LEU B 500 -13.82 0.02 21.33
N MET B 501 -15.06 -0.40 21.14
CA MET B 501 -15.36 -1.64 20.41
C MET B 501 -16.15 -1.30 19.18
N PRO B 502 -16.18 -2.21 18.18
CA PRO B 502 -17.13 -2.06 17.08
C PRO B 502 -18.58 -2.02 17.61
N ARG B 503 -19.45 -1.31 16.90
CA ARG B 503 -20.89 -1.27 17.23
C ARG B 503 -21.46 -2.69 17.16
N ASN B 504 -20.91 -3.55 16.31
CA ASN B 504 -21.39 -4.93 16.09
C ASN B 504 -20.26 -5.72 15.46
N PRO B 505 -20.33 -7.05 15.46
CA PRO B 505 -19.31 -7.84 14.77
C PRO B 505 -19.32 -7.52 13.25
N LEU B 506 -18.23 -7.85 12.60
CA LEU B 506 -18.15 -7.83 11.11
C LEU B 506 -19.30 -8.66 10.56
N PRO B 507 -20.27 -8.10 9.81
CA PRO B 507 -21.46 -8.87 9.46
C PRO B 507 -21.15 -10.14 8.66
N ALA B 508 -20.10 -10.15 7.86
CA ALA B 508 -19.70 -11.31 7.05
C ALA B 508 -19.58 -12.54 7.93
N LEU B 509 -19.12 -12.38 9.17
CA LEU B 509 -18.82 -13.55 10.05
C LEU B 509 -20.09 -14.34 10.35
N ALA B 510 -21.26 -13.72 10.28
CA ALA B 510 -22.56 -14.39 10.56
C ALA B 510 -22.85 -15.47 9.50
N TYR B 511 -22.15 -15.47 8.37
CA TYR B 511 -22.37 -16.40 7.25
C TYR B 511 -21.23 -17.41 7.16
N LYS B 512 -20.30 -17.43 8.13
CA LYS B 512 -19.04 -18.16 7.91
C LYS B 512 -18.70 -19.07 9.09
N PRO B 513 -19.55 -20.09 9.35
CA PRO B 513 -19.30 -21.00 10.46
C PRO B 513 -17.97 -21.74 10.33
N GLN B 514 -17.53 -22.08 9.11
CA GLN B 514 -16.27 -22.82 8.87
C GLN B 514 -15.10 -21.89 9.24
N SER B 515 -15.24 -20.60 8.96
CA SER B 515 -14.15 -19.63 9.22
C SER B 515 -14.04 -19.38 10.73
N ILE B 516 -15.16 -19.25 11.43
CA ILE B 516 -15.22 -19.14 12.91
CA ILE B 516 -15.16 -19.10 12.90
C ILE B 516 -14.44 -20.32 13.51
N ALA B 517 -14.68 -21.54 12.99
CA ALA B 517 -14.02 -22.78 13.48
C ALA B 517 -12.51 -22.71 13.22
N GLU B 518 -12.11 -22.25 12.04
CA GLU B 518 -10.68 -22.10 11.67
C GLU B 518 -10.02 -21.12 12.68
N ALA B 519 -10.71 -20.02 13.01
CA ALA B 519 -10.19 -19.00 13.95
C ALA B 519 -10.01 -19.62 15.35
N GLU B 520 -10.90 -20.53 15.77
CA GLU B 520 -10.73 -21.25 17.07
C GLU B 520 -9.37 -21.94 17.08
N LEU B 521 -8.95 -22.56 15.97
CA LEU B 521 -7.61 -23.22 15.89
C LEU B 521 -6.49 -22.16 16.00
N LEU B 522 -6.67 -20.98 15.42
CA LEU B 522 -5.68 -19.88 15.60
C LEU B 522 -5.59 -19.47 17.08
N PHE B 523 -6.72 -19.29 17.77
CA PHE B 523 -6.72 -18.90 19.20
C PHE B 523 -5.97 -19.96 20.01
N ALA B 524 -6.22 -21.23 19.70
CA ALA B 524 -5.53 -22.37 20.35
C ALA B 524 -4.02 -22.29 20.05
N ASP B 525 -3.65 -21.94 18.81
CA ASP B 525 -2.22 -21.83 18.43
C ASP B 525 -1.57 -20.70 19.24
N VAL B 526 -2.25 -19.57 19.44
CA VAL B 526 -1.69 -18.45 20.24
C VAL B 526 -1.39 -18.99 21.65
N LYS B 527 -2.32 -19.73 22.23
CA LYS B 527 -2.19 -20.21 23.64
C LYS B 527 -1.04 -21.21 23.69
N ARG B 528 -0.98 -22.15 22.76
CA ARG B 528 0.05 -23.21 22.72
C ARG B 528 1.43 -22.56 22.55
N LYS B 529 1.55 -21.56 21.66
CA LYS B 529 2.85 -20.88 21.41
CA LYS B 529 2.87 -20.91 21.42
C LYS B 529 3.27 -20.10 22.66
N GLY B 530 2.37 -19.35 23.28
CA GLY B 530 2.64 -18.62 24.53
C GLY B 530 3.12 -19.57 25.60
N ASP B 531 2.39 -20.66 25.82
CA ASP B 531 2.73 -21.67 26.85
C ASP B 531 4.13 -22.18 26.57
N THR B 532 4.40 -22.59 25.34
CA THR B 532 5.67 -23.22 24.92
C THR B 532 6.83 -22.24 25.10
N LEU B 533 6.65 -20.99 24.66
CA LEU B 533 7.77 -20.00 24.69
C LEU B 533 7.98 -19.48 26.11
N VAL B 534 6.94 -19.31 26.92
CA VAL B 534 7.14 -18.87 28.34
C VAL B 534 8.00 -19.93 29.04
N GLU B 535 7.80 -21.20 28.70
CA GLU B 535 8.52 -22.34 29.36
C GLU B 535 9.98 -22.32 28.90
N SER B 536 10.23 -22.12 27.60
CA SER B 536 11.54 -22.41 26.96
C SER B 536 12.43 -21.16 26.83
N LEU B 537 11.88 -19.95 26.85
CA LEU B 537 12.69 -18.72 26.63
C LEU B 537 13.49 -18.38 27.89
N PRO B 538 14.65 -17.73 27.72
CA PRO B 538 15.37 -17.15 28.85
C PRO B 538 14.69 -15.87 29.31
N SER B 539 14.95 -15.45 30.54
CA SER B 539 14.50 -14.13 31.05
C SER B 539 15.15 -13.03 30.18
N THR B 540 14.51 -11.86 30.06
CA THR B 540 15.11 -10.67 29.42
C THR B 540 16.45 -10.36 30.12
N TYR B 541 16.45 -10.42 31.46
CA TYR B 541 17.66 -10.17 32.30
C TYR B 541 18.80 -11.08 31.83
N ASP B 542 18.55 -12.36 31.67
CA ASP B 542 19.59 -13.35 31.31
C ASP B 542 20.07 -13.13 29.88
N LEU B 543 19.19 -12.79 28.93
CA LEU B 543 19.64 -12.48 27.56
C LEU B 543 20.50 -11.20 27.60
N LEU B 544 20.11 -10.20 28.38
CA LEU B 544 20.87 -8.92 28.49
C LEU B 544 22.26 -9.20 29.09
N ARG B 545 22.35 -9.98 30.16
CA ARG B 545 23.65 -10.34 30.82
C ARG B 545 24.55 -11.04 29.78
N GLN B 546 24.00 -11.91 28.94
CA GLN B 546 24.82 -12.58 27.89
C GLN B 546 25.26 -11.59 26.82
N LEU B 547 24.35 -10.74 26.34
CA LEU B 547 24.65 -9.80 25.23
C LEU B 547 25.75 -8.81 25.66
N HIS B 548 25.63 -8.24 26.86
CA HIS B 548 26.52 -7.17 27.38
C HIS B 548 27.73 -7.78 28.11
N GLY B 549 28.07 -9.05 27.86
CA GLY B 549 29.27 -9.73 28.39
C GLY B 549 29.20 -9.86 29.90
#